data_6CVD
#
_entry.id   6CVD
#
_cell.length_a   34.341
_cell.length_b   76.008
_cell.length_c   108.032
_cell.angle_alpha   90.00
_cell.angle_beta   90.42
_cell.angle_gamma   90.00
#
_symmetry.space_group_name_H-M   'P 1 21 1'
#
loop_
_entity.id
_entity.type
_entity.pdbx_description
1 polymer 'Signal recognition particle receptor FtsY'
2 non-polymer 'methyl 1H-indole-4-carboxylate'
3 non-polymer 'AMMONIUM ION'
4 non-polymer 'SODIUM ION'
5 water water
#
_entity_poly.entity_id   1
_entity_poly.type   'polypeptide(L)'
_entity_poly.pdbx_seq_one_letter_code
;GFARLKRSLLKTKENLGSGFISLFRGKKIDDDLFEELEEQLLIADVGVETTRKIITNLTEGASRKQLRDAEALYGLLKEE
MGEILAKVDEPLNVEGKAPFVILMVGVNGVGKTTTIGKLARQFEQQGKSVMLAAGDTFRAAAVEQLQVWGQRNNIPVIAQ
HTGADSASVIFDAIQAAKARNIDVLIADTAGRLQNKSHLMEELKKIVRVMKKLDVEAPHEVMLTIDASTGQNAVSQAKLF
HEAVGLTGITLTKLDGTAKGGVIFSVADQFGIPIRYIGVGERIEDLRPFKADDFIEALFARED
;
_entity_poly.pdbx_strand_id   A,B
#
loop_
_chem_comp.id
_chem_comp.type
_chem_comp.name
_chem_comp.formula
4ME non-polymer 'methyl 1H-indole-4-carboxylate' 'C10 H9 N O2'
NA non-polymer 'SODIUM ION' 'Na 1'
NH4 non-polymer 'AMMONIUM ION' 'H4 N 1'
#
# COMPACT_ATOMS: atom_id res chain seq x y z
N GLY A 1 -7.67 2.60 -2.20
CA GLY A 1 -6.26 2.23 -2.17
C GLY A 1 -5.71 2.29 -0.75
N PHE A 2 -4.41 1.97 -0.62
CA PHE A 2 -3.71 2.05 0.67
C PHE A 2 -4.48 1.36 1.79
N ALA A 3 -5.07 0.21 1.48
CA ALA A 3 -5.90 -0.46 2.49
C ALA A 3 -5.11 -0.86 3.73
N ARG A 4 -3.86 -1.33 3.57
CA ARG A 4 -3.16 -1.77 4.77
C ARG A 4 -2.74 -0.57 5.62
N LEU A 5 -2.33 0.53 4.98
CA LEU A 5 -1.92 1.71 5.74
C LEU A 5 -3.14 2.35 6.41
N LYS A 6 -4.27 2.40 5.70
CA LYS A 6 -5.49 2.89 6.33
C LYS A 6 -5.82 2.12 7.62
N ARG A 7 -5.70 0.79 7.57
CA ARG A 7 -5.99 -0.01 8.77
C ARG A 7 -4.96 0.25 9.85
N SER A 8 -3.68 0.36 9.50
CA SER A 8 -2.73 0.71 10.54
C SER A 8 -3.05 2.09 11.12
N LEU A 9 -3.67 2.97 10.34
CA LEU A 9 -3.96 4.33 10.78
C LEU A 9 -5.39 4.52 11.31
N LEU A 10 -6.11 3.44 11.55
CA LEU A 10 -7.54 3.54 11.83
C LEU A 10 -7.82 4.49 13.01
N LYS A 11 -7.06 4.32 14.09
CA LYS A 11 -7.28 5.11 15.30
C LYS A 11 -6.86 6.55 15.08
N THR A 12 -5.83 6.77 14.26
CA THR A 12 -5.42 8.13 13.90
C THR A 12 -6.45 8.80 13.00
N LYS A 13 -7.09 8.04 12.11
CA LYS A 13 -8.12 8.62 11.25
C LYS A 13 -9.40 9.00 12.00
N GLU A 14 -9.58 8.56 13.24
CA GLU A 14 -10.66 9.09 14.08
C GLU A 14 -10.54 10.58 14.32
N ASN A 15 -9.32 11.12 14.37
CA ASN A 15 -9.14 12.53 14.73
C ASN A 15 -8.60 13.39 13.62
N LEU A 16 -7.84 12.82 12.70
CA LEU A 16 -7.22 13.56 11.62
C LEU A 16 -7.70 13.03 10.28
N GLY A 17 -7.48 13.82 9.25
CA GLY A 17 -7.77 13.36 7.91
C GLY A 17 -9.24 13.16 7.69
N SER A 18 -9.62 11.93 7.33
CA SER A 18 -11.04 11.67 7.13
C SER A 18 -11.84 11.95 8.41
N GLY A 19 -11.20 11.91 9.57
CA GLY A 19 -11.95 12.24 10.77
C GLY A 19 -12.45 13.67 10.81
N PHE A 20 -11.86 14.55 9.98
CA PHE A 20 -12.35 15.92 9.86
C PHE A 20 -13.70 15.98 9.17
N ILE A 21 -13.97 15.00 8.38
CA ILE A 21 -15.15 15.12 7.54
C ILE A 21 -16.45 15.35 8.40
N SER A 22 -16.65 14.51 9.42
CA SER A 22 -17.84 14.66 10.31
C SER A 22 -17.77 15.99 11.08
N LEU A 23 -16.57 16.47 11.37
CA LEU A 23 -16.43 17.72 12.12
C LEU A 23 -16.90 18.90 11.32
N PHE A 24 -16.69 18.87 10.01
CA PHE A 24 -17.06 20.00 9.17
C PHE A 24 -18.47 19.88 8.61
N ARG A 25 -19.04 18.67 8.56
CA ARG A 25 -20.31 18.46 7.88
C ARG A 25 -21.33 19.50 8.31
N GLY A 26 -21.82 20.26 7.33
CA GLY A 26 -22.91 21.20 7.54
C GLY A 26 -22.61 22.40 8.41
N LYS A 27 -21.34 22.67 8.71
CA LYS A 27 -21.00 23.82 9.53
C LYS A 27 -20.58 25.03 8.69
N LYS A 28 -20.66 26.19 9.32
CA LYS A 28 -20.13 27.44 8.79
C LYS A 28 -18.72 27.69 9.33
N ILE A 29 -17.94 28.45 8.57
CA ILE A 29 -16.58 28.79 8.97
C ILE A 29 -16.61 30.01 9.89
N ASP A 30 -16.37 29.78 11.19
CA ASP A 30 -16.34 30.86 12.17
C ASP A 30 -15.41 30.42 13.30
N ASP A 31 -15.36 31.23 14.37
CA ASP A 31 -14.44 30.97 15.46
C ASP A 31 -14.76 29.65 16.15
N ASP A 32 -16.04 29.36 16.33
CA ASP A 32 -16.44 28.07 16.91
C ASP A 32 -15.81 26.92 16.13
N LEU A 33 -15.81 27.02 14.80
CA LEU A 33 -15.31 25.94 13.96
C LEU A 33 -13.82 25.75 14.17
N PHE A 34 -13.06 26.83 14.06
CA PHE A 34 -11.62 26.74 14.23
C PHE A 34 -11.28 26.30 15.64
N GLU A 35 -12.09 26.69 16.62
CA GLU A 35 -11.89 26.19 17.97
C GLU A 35 -12.12 24.68 18.03
N GLU A 36 -13.18 24.18 17.40
CA GLU A 36 -13.39 22.74 17.40
C GLU A 36 -12.21 22.04 16.73
N LEU A 37 -11.68 22.66 15.67
CA LEU A 37 -10.61 22.04 14.91
C LEU A 37 -9.30 22.06 15.67
N GLU A 38 -8.99 23.18 16.34
CA GLU A 38 -7.81 23.22 17.19
C GLU A 38 -7.87 22.12 18.24
N GLU A 39 -9.03 21.96 18.91
CA GLU A 39 -9.17 20.91 19.93
C GLU A 39 -8.90 19.53 19.35
N GLN A 40 -9.44 19.23 18.18
CA GLN A 40 -9.25 17.91 17.62
C GLN A 40 -7.79 17.68 17.24
N LEU A 41 -7.11 18.70 16.72
CA LEU A 41 -5.67 18.54 16.40
C LEU A 41 -4.88 18.30 17.67
N LEU A 42 -5.18 19.04 18.72
CA LEU A 42 -4.47 18.82 19.96
C LEU A 42 -4.75 17.43 20.49
N ILE A 43 -6.00 16.98 20.42
CA ILE A 43 -6.31 15.62 20.86
C ILE A 43 -5.54 14.59 20.06
N ALA A 44 -5.29 14.86 18.79
CA ALA A 44 -4.55 13.96 17.90
C ALA A 44 -3.05 13.99 18.13
N ASP A 45 -2.58 14.79 19.08
CA ASP A 45 -1.18 14.87 19.46
C ASP A 45 -0.31 15.59 18.44
N VAL A 46 -0.91 16.53 17.72
CA VAL A 46 -0.20 17.37 16.77
C VAL A 46 0.63 18.42 17.48
N GLY A 47 0.30 18.76 18.71
CA GLY A 47 1.16 19.65 19.48
C GLY A 47 0.73 21.09 19.36
N VAL A 48 0.99 21.84 20.43
CA VAL A 48 0.47 23.21 20.53
C VAL A 48 0.99 24.08 19.40
N GLU A 49 2.31 24.12 19.24
CA GLU A 49 2.87 25.02 18.23
C GLU A 49 2.51 24.60 16.82
N THR A 50 2.58 23.30 16.53
CA THR A 50 2.23 22.90 15.18
C THR A 50 0.77 23.17 14.90
N THR A 51 -0.11 22.92 15.88
CA THR A 51 -1.52 23.22 15.67
C THR A 51 -1.75 24.71 15.42
N ARG A 52 -1.07 25.58 16.17
CA ARG A 52 -1.24 27.01 15.98
C ARG A 52 -0.86 27.42 14.58
N LYS A 53 0.21 26.84 14.05
CA LYS A 53 0.61 27.15 12.68
C LYS A 53 -0.46 26.74 11.69
N ILE A 54 -0.99 25.52 11.84
CA ILE A 54 -1.99 25.02 10.91
C ILE A 54 -3.22 25.92 10.93
N ILE A 55 -3.70 26.22 12.13
CA ILE A 55 -4.89 27.05 12.30
C ILE A 55 -4.66 28.44 11.71
N THR A 56 -3.44 28.99 11.87
CA THR A 56 -3.15 30.31 11.31
C THR A 56 -3.25 30.30 9.79
N ASN A 57 -2.50 29.40 9.16
CA ASN A 57 -2.54 29.32 7.70
C ASN A 57 -3.94 29.01 7.21
N LEU A 58 -4.64 28.13 7.90
CA LEU A 58 -5.98 27.79 7.47
C LEU A 58 -6.90 28.99 7.57
N THR A 59 -6.83 29.72 8.69
CA THR A 59 -7.68 30.88 8.83
C THR A 59 -7.46 31.85 7.68
N GLU A 60 -6.22 32.29 7.49
CA GLU A 60 -5.97 33.30 6.47
C GLU A 60 -6.31 32.76 5.09
N GLY A 61 -5.93 31.52 4.80
CA GLY A 61 -6.34 30.92 3.55
C GLY A 61 -7.85 30.89 3.36
N ALA A 62 -8.61 30.77 4.45
CA ALA A 62 -10.06 30.72 4.37
C ALA A 62 -10.68 32.10 4.13
N SER A 63 -10.16 33.12 4.84
CA SER A 63 -10.63 34.48 4.64
C SER A 63 -10.37 34.97 3.21
N ARG A 64 -9.13 34.78 2.72
CA ARG A 64 -8.73 35.29 1.40
C ARG A 64 -9.72 34.87 0.33
N LYS A 65 -10.03 33.57 0.23
CA LYS A 65 -11.02 33.09 -0.72
C LYS A 65 -12.44 33.32 -0.26
N GLN A 66 -12.65 33.93 0.91
CA GLN A 66 -13.99 34.17 1.45
C GLN A 66 -14.81 32.88 1.51
N LEU A 67 -14.20 31.81 1.98
CA LEU A 67 -14.90 30.54 2.06
C LEU A 67 -15.97 30.62 3.14
N ARG A 68 -17.11 29.98 2.89
CA ARG A 68 -18.18 29.98 3.88
C ARG A 68 -18.49 28.61 4.45
N ASP A 69 -18.42 27.55 3.66
CA ASP A 69 -18.80 26.23 4.14
C ASP A 69 -17.54 25.54 4.66
N ALA A 70 -17.63 25.01 5.88
CA ALA A 70 -16.49 24.34 6.51
C ALA A 70 -16.04 23.13 5.70
N GLU A 71 -16.93 22.53 4.92
CA GLU A 71 -16.51 21.42 4.06
C GLU A 71 -15.34 21.83 3.17
N ALA A 72 -15.27 23.11 2.78
CA ALA A 72 -14.20 23.57 1.89
C ALA A 72 -12.84 23.70 2.59
N LEU A 73 -12.79 23.64 3.92
CA LEU A 73 -11.51 23.64 4.61
C LEU A 73 -10.74 22.35 4.39
N TYR A 74 -11.43 21.28 3.99
CA TYR A 74 -10.83 19.96 3.97
C TYR A 74 -9.61 19.91 3.06
N GLY A 75 -9.78 20.39 1.82
CA GLY A 75 -8.67 20.41 0.88
C GLY A 75 -7.53 21.29 1.33
N LEU A 76 -7.85 22.41 1.97
CA LEU A 76 -6.81 23.30 2.48
C LEU A 76 -6.06 22.62 3.62
N LEU A 77 -6.78 21.92 4.48
CA LEU A 77 -6.12 21.25 5.58
C LEU A 77 -5.22 20.13 5.05
N LYS A 78 -5.69 19.40 4.05
CA LYS A 78 -4.88 18.33 3.46
C LYS A 78 -3.59 18.87 2.85
N GLU A 79 -3.67 20.02 2.18
CA GLU A 79 -2.46 20.69 1.69
C GLU A 79 -1.50 21.08 2.83
N GLU A 80 -2.03 21.76 3.85
CA GLU A 80 -1.18 22.25 4.96
C GLU A 80 -0.49 21.09 5.66
N MET A 81 -1.24 20.02 5.93
CA MET A 81 -0.65 18.93 6.65
C MET A 81 0.24 18.09 5.73
N GLY A 82 -0.07 18.08 4.44
CA GLY A 82 0.80 17.41 3.49
C GLY A 82 2.14 18.09 3.35
N GLU A 83 2.16 19.43 3.43
CA GLU A 83 3.39 20.19 3.30
C GLU A 83 4.32 19.91 4.48
N ILE A 84 3.75 19.78 5.69
CA ILE A 84 4.53 19.46 6.87
C ILE A 84 5.26 18.13 6.68
N LEU A 85 4.56 17.12 6.22
CA LEU A 85 5.22 15.82 6.07
C LEU A 85 6.15 15.78 4.89
N ALA A 86 5.79 16.48 3.83
CA ALA A 86 6.69 16.48 2.65
C ALA A 86 8.12 17.01 3.06
N LYS A 87 8.21 18.00 3.94
CA LYS A 87 9.52 18.52 4.40
C LYS A 87 10.48 17.44 5.02
N VAL A 88 9.98 16.37 5.64
CA VAL A 88 10.79 15.25 6.20
C VAL A 88 10.72 13.91 5.34
N ASP A 89 10.38 14.07 4.08
CA ASP A 89 10.22 12.98 3.14
C ASP A 89 11.61 12.83 2.47
N GLU A 90 12.40 11.92 2.93
CA GLU A 90 13.71 11.71 2.32
C GLU A 90 14.27 10.31 2.65
N PRO A 91 14.17 9.33 1.77
CA PRO A 91 14.59 7.99 2.15
C PRO A 91 16.12 7.86 2.54
N LEU A 92 16.47 6.95 3.45
CA LEU A 92 17.86 6.81 3.89
C LEU A 92 18.62 6.16 2.71
N ASN A 93 19.79 6.67 2.33
CA ASN A 93 20.66 6.03 1.31
C ASN A 93 21.97 5.62 1.98
N VAL A 94 22.17 4.32 2.02
CA VAL A 94 23.35 3.78 2.70
C VAL A 94 24.42 3.34 1.73
N GLU A 95 24.30 3.66 0.44
CA GLU A 95 25.24 3.13 -0.55
C GLU A 95 26.62 3.81 -0.43
N GLY A 96 27.66 3.10 -0.89
CA GLY A 96 28.94 3.72 -1.17
C GLY A 96 29.86 3.98 0.01
N LYS A 97 29.65 3.35 1.16
CA LYS A 97 30.52 3.57 2.31
C LYS A 97 30.98 2.22 2.86
N ALA A 98 32.05 2.25 3.67
CA ALA A 98 32.85 1.05 3.96
C ALA A 98 33.34 1.07 5.38
N PRO A 99 32.46 0.84 6.34
CA PRO A 99 31.01 0.64 6.18
C PRO A 99 30.27 1.95 6.32
N PHE A 100 29.02 1.97 5.90
CA PHE A 100 28.08 3.01 6.31
C PHE A 100 27.68 2.72 7.76
N VAL A 101 27.95 3.66 8.66
CA VAL A 101 27.70 3.47 10.08
C VAL A 101 26.41 4.16 10.45
N ILE A 102 25.45 3.40 10.97
CA ILE A 102 24.23 3.94 11.56
C ILE A 102 24.34 3.86 13.07
N LEU A 103 24.30 5.01 13.74
CA LEU A 103 24.23 5.05 15.21
C LEU A 103 22.76 5.13 15.65
N MET A 104 22.27 4.08 16.34
CA MET A 104 20.87 3.95 16.71
C MET A 104 20.73 4.45 18.13
N VAL A 105 19.98 5.55 18.28
CA VAL A 105 19.75 6.15 19.59
C VAL A 105 18.26 6.17 19.89
N GLY A 106 17.98 6.24 21.17
CA GLY A 106 16.62 6.33 21.69
C GLY A 106 16.52 5.60 23.00
N VAL A 107 15.35 5.72 23.61
CA VAL A 107 15.12 5.05 24.88
C VAL A 107 14.84 3.56 24.66
N ASN A 108 14.94 2.80 25.72
CA ASN A 108 14.67 1.38 25.63
C ASN A 108 13.11 1.20 25.53
N GLY A 109 12.62 0.09 25.03
CA GLY A 109 11.20 -0.16 24.93
C GLY A 109 10.31 0.61 23.91
N VAL A 110 10.94 1.33 22.94
CA VAL A 110 10.29 2.07 21.82
C VAL A 110 10.45 1.36 20.41
N GLY A 111 10.99 0.12 20.30
CA GLY A 111 11.14 -0.55 19.02
C GLY A 111 12.54 -0.33 18.41
N LYS A 112 13.44 0.19 19.21
CA LYS A 112 14.78 0.42 18.72
C LYS A 112 15.43 -0.90 18.30
N THR A 113 15.36 -1.93 19.17
CA THR A 113 15.99 -3.23 18.88
C THR A 113 15.32 -3.95 17.71
N THR A 114 14.00 -3.91 17.67
CA THR A 114 13.25 -4.43 16.54
C THR A 114 13.67 -3.75 15.25
N THR A 115 13.84 -2.44 15.29
CA THR A 115 14.19 -1.68 14.10
C THR A 115 15.58 -2.08 13.60
N ILE A 116 16.53 -2.27 14.51
CA ILE A 116 17.85 -2.73 14.12
C ILE A 116 17.75 -4.02 13.32
N GLY A 117 17.01 -5.00 13.85
CA GLY A 117 16.91 -6.28 13.17
C GLY A 117 16.23 -6.17 11.82
N LYS A 118 15.13 -5.42 11.74
CA LYS A 118 14.45 -5.27 10.46
C LYS A 118 15.34 -4.56 9.44
N LEU A 119 16.03 -3.49 9.84
CA LEU A 119 16.93 -2.83 8.91
C LEU A 119 18.02 -3.78 8.43
N ALA A 120 18.62 -4.53 9.35
CA ALA A 120 19.66 -5.47 8.99
C ALA A 120 19.19 -6.46 7.94
N ARG A 121 17.99 -7.03 8.13
CA ARG A 121 17.47 -8.02 7.17
C ARG A 121 17.19 -7.36 5.83
N GLN A 122 16.64 -6.14 5.86
CA GLN A 122 16.37 -5.42 4.62
C GLN A 122 17.68 -5.17 3.86
N PHE A 123 18.73 -4.72 4.56
CA PHE A 123 19.98 -4.42 3.88
C PHE A 123 20.60 -5.70 3.32
N GLU A 124 20.56 -6.80 4.07
CA GLU A 124 21.05 -8.06 3.54
C GLU A 124 20.21 -8.54 2.34
N GLN A 125 18.89 -8.34 2.38
CA GLN A 125 18.12 -8.71 1.20
C GLN A 125 18.49 -7.85 0.00
N GLN A 126 18.96 -6.64 0.24
CA GLN A 126 19.43 -5.76 -0.82
C GLN A 126 20.82 -6.14 -1.35
N GLY A 127 21.44 -7.18 -0.83
CA GLY A 127 22.77 -7.56 -1.29
C GLY A 127 23.91 -6.96 -0.49
N LYS A 128 23.63 -6.32 0.62
CA LYS A 128 24.67 -5.75 1.49
C LYS A 128 25.09 -6.72 2.58
N SER A 129 26.34 -6.61 3.00
CA SER A 129 26.79 -7.31 4.20
C SER A 129 26.62 -6.40 5.41
N VAL A 130 26.09 -6.95 6.47
CA VAL A 130 25.70 -6.17 7.64
C VAL A 130 26.43 -6.73 8.87
N MET A 131 26.75 -5.84 9.80
CA MET A 131 27.28 -6.16 11.12
C MET A 131 26.59 -5.28 12.15
N LEU A 132 26.44 -5.82 13.36
CA LEU A 132 25.82 -5.11 14.48
C LEU A 132 26.84 -4.90 15.59
N ALA A 133 26.70 -3.78 16.32
CA ALA A 133 27.55 -3.52 17.49
C ALA A 133 26.63 -3.44 18.70
N ALA A 134 26.87 -4.28 19.71
CA ALA A 134 26.02 -4.35 20.90
C ALA A 134 26.46 -3.32 21.94
N GLY A 135 26.17 -2.06 21.63
CA GLY A 135 26.65 -0.95 22.43
C GLY A 135 25.87 -0.67 23.72
N ASP A 136 24.77 -1.36 23.97
CA ASP A 136 23.98 -1.20 25.20
C ASP A 136 24.58 -2.14 26.27
N THR A 137 25.76 -1.75 26.75
CA THR A 137 26.71 -2.71 27.33
C THR A 137 26.41 -3.12 28.75
N PHE A 138 25.59 -2.38 29.48
CA PHE A 138 25.27 -2.75 30.85
C PHE A 138 23.99 -3.58 30.98
N ARG A 139 23.30 -3.85 29.87
CA ARG A 139 22.07 -4.63 29.87
C ARG A 139 22.38 -6.02 29.31
N ALA A 140 22.78 -6.94 30.22
CA ALA A 140 23.33 -8.22 29.76
C ALA A 140 22.33 -9.01 28.95
N ALA A 141 21.06 -8.94 29.33
CA ALA A 141 20.03 -9.67 28.61
C ALA A 141 19.79 -9.09 27.22
N ALA A 142 19.91 -7.77 27.07
CA ALA A 142 19.75 -7.12 25.77
C ALA A 142 20.88 -7.49 24.82
N VAL A 143 22.10 -7.50 25.33
CA VAL A 143 23.25 -7.90 24.54
C VAL A 143 23.11 -9.35 24.08
N GLU A 144 22.86 -10.26 25.02
CA GLU A 144 22.75 -11.68 24.67
C GLU A 144 21.64 -11.90 23.64
N GLN A 145 20.55 -11.16 23.76
CA GLN A 145 19.47 -11.28 22.79
C GLN A 145 19.93 -10.89 21.40
N LEU A 146 20.68 -9.79 21.30
CA LEU A 146 21.18 -9.34 20.01
C LEU A 146 22.12 -10.37 19.42
N GLN A 147 23.01 -10.92 20.24
CA GLN A 147 23.92 -11.96 19.77
C GLN A 147 23.15 -13.16 19.23
N VAL A 148 22.18 -13.67 20.01
CA VAL A 148 21.41 -14.82 19.57
C VAL A 148 20.71 -14.52 18.25
N TRP A 149 20.19 -13.30 18.11
CA TRP A 149 19.55 -12.92 16.86
C TRP A 149 20.53 -12.94 15.71
N GLY A 150 21.74 -12.42 15.94
CA GLY A 150 22.76 -12.45 14.91
C GLY A 150 23.12 -13.86 14.51
N GLN A 151 23.23 -14.76 15.50
CA GLN A 151 23.54 -16.16 15.19
C GLN A 151 22.42 -16.83 14.42
N ARG A 152 21.16 -16.51 14.71
CA ARG A 152 20.06 -17.10 13.96
C ARG A 152 20.04 -16.60 12.52
N ASN A 153 20.52 -15.39 12.26
CA ASN A 153 20.41 -14.75 10.96
C ASN A 153 21.75 -14.63 10.21
N ASN A 154 22.80 -15.28 10.71
CA ASN A 154 24.13 -15.25 10.08
C ASN A 154 24.63 -13.82 9.86
N ILE A 155 24.48 -13.00 10.90
CA ILE A 155 24.92 -11.62 10.86
C ILE A 155 25.85 -11.41 12.06
N PRO A 156 27.09 -10.98 11.85
CA PRO A 156 28.00 -10.82 12.99
C PRO A 156 27.60 -9.70 13.93
N VAL A 157 27.85 -9.93 15.23
CA VAL A 157 27.51 -9.02 16.31
C VAL A 157 28.74 -8.84 17.17
N ILE A 158 29.23 -7.62 17.30
CA ILE A 158 30.38 -7.30 18.12
C ILE A 158 29.90 -6.93 19.52
N ALA A 159 30.44 -7.59 20.53
CA ALA A 159 29.98 -7.44 21.90
C ALA A 159 31.17 -7.69 22.83
N GLN A 160 31.11 -7.06 24.00
CA GLN A 160 32.07 -7.28 25.08
C GLN A 160 31.30 -7.59 26.38
N HIS A 161 32.06 -7.79 27.46
CA HIS A 161 31.49 -8.16 28.76
C HIS A 161 30.56 -7.07 29.26
N THR A 162 29.64 -7.48 30.12
CA THR A 162 28.74 -6.56 30.79
C THR A 162 29.50 -5.45 31.50
N GLY A 163 29.08 -4.21 31.25
CA GLY A 163 29.76 -3.05 31.78
C GLY A 163 30.93 -2.57 30.96
N ALA A 164 31.20 -3.19 29.81
CA ALA A 164 32.24 -2.66 28.95
C ALA A 164 31.92 -1.24 28.54
N ASP A 165 32.94 -0.51 28.13
CA ASP A 165 32.79 0.85 27.65
C ASP A 165 32.17 0.81 26.26
N SER A 166 30.96 1.37 26.14
CA SER A 166 30.24 1.32 24.87
C SER A 166 31.08 1.91 23.74
N ALA A 167 31.88 2.93 24.02
CA ALA A 167 32.63 3.53 22.94
C ALA A 167 33.71 2.57 22.44
N SER A 168 34.22 1.75 23.34
CA SER A 168 35.21 0.73 22.97
C SER A 168 34.59 -0.36 22.11
N VAL A 169 33.40 -0.85 22.50
CA VAL A 169 32.74 -1.87 21.69
C VAL A 169 32.53 -1.36 20.27
N ILE A 170 32.05 -0.13 20.15
CA ILE A 170 31.70 0.40 18.83
C ILE A 170 32.95 0.70 18.02
N PHE A 171 34.01 1.15 18.69
CA PHE A 171 35.31 1.29 18.03
C PHE A 171 35.79 -0.03 17.46
N ASP A 172 35.79 -1.08 18.28
CA ASP A 172 36.18 -2.41 17.82
C ASP A 172 35.26 -2.89 16.69
N ALA A 173 33.98 -2.52 16.75
CA ALA A 173 33.06 -2.94 15.69
C ALA A 173 33.38 -2.25 14.37
N ILE A 174 33.73 -0.98 14.40
CA ILE A 174 34.11 -0.33 13.17
C ILE A 174 35.38 -0.93 12.61
N GLN A 175 36.32 -1.26 13.48
CA GLN A 175 37.55 -1.87 13.03
C GLN A 175 37.27 -3.22 12.33
N ALA A 176 36.46 -4.05 12.96
CA ALA A 176 36.06 -5.33 12.39
C ALA A 176 35.25 -5.18 11.10
N ALA A 177 34.33 -4.21 11.08
CA ALA A 177 33.56 -3.98 9.87
C ALA A 177 34.47 -3.58 8.70
N LYS A 178 35.47 -2.75 8.96
CA LYS A 178 36.36 -2.35 7.86
C LYS A 178 37.21 -3.54 7.39
N ALA A 179 37.66 -4.36 8.32
CA ALA A 179 38.47 -5.52 7.94
C ALA A 179 37.68 -6.57 7.18
N ARG A 180 36.36 -6.63 7.41
CA ARG A 180 35.50 -7.62 6.80
C ARG A 180 34.69 -7.08 5.65
N ASN A 181 35.01 -5.88 5.16
CA ASN A 181 34.33 -5.33 3.98
C ASN A 181 32.82 -5.25 4.20
N ILE A 182 32.44 -4.96 5.44
CA ILE A 182 31.04 -4.74 5.77
C ILE A 182 30.50 -3.47 5.11
N ASP A 183 29.28 -3.57 4.55
CA ASP A 183 28.63 -2.44 3.89
C ASP A 183 27.89 -1.54 4.89
N VAL A 184 27.23 -2.14 5.89
CA VAL A 184 26.46 -1.35 6.84
C VAL A 184 26.77 -1.88 8.23
N LEU A 185 27.20 -0.97 9.13
CA LEU A 185 27.34 -1.26 10.55
C LEU A 185 26.26 -0.52 11.31
N ILE A 186 25.49 -1.25 12.08
CA ILE A 186 24.39 -0.71 12.90
C ILE A 186 24.76 -0.86 14.37
N ALA A 187 24.94 0.25 15.04
CA ALA A 187 25.42 0.26 16.41
C ALA A 187 24.26 0.59 17.35
N ASP A 188 23.94 -0.35 18.22
CA ASP A 188 23.02 -0.13 19.31
C ASP A 188 23.70 0.69 20.40
N THR A 189 22.88 1.36 21.20
CA THR A 189 23.28 2.19 22.33
C THR A 189 22.31 2.04 23.49
N ALA A 190 22.78 2.48 24.66
CA ALA A 190 21.97 2.48 25.85
C ALA A 190 20.79 3.45 25.69
N GLY A 191 19.68 3.11 26.31
CA GLY A 191 18.52 3.97 26.26
C GLY A 191 17.84 4.04 27.61
N ARG A 192 18.63 3.88 28.66
CA ARG A 192 18.12 3.91 30.02
C ARG A 192 17.71 5.33 30.37
N LEU A 193 16.55 5.39 31.02
CA LEU A 193 15.80 6.64 31.34
C LEU A 193 16.37 7.58 32.49
N GLN A 194 17.00 7.03 33.52
CA GLN A 194 17.54 7.90 34.64
C GLN A 194 18.81 8.63 34.16
N ASN A 195 19.17 9.79 34.73
CA ASN A 195 20.39 10.49 34.44
C ASN A 195 20.50 10.71 32.92
N LYS A 196 19.54 11.44 32.32
CA LYS A 196 19.63 11.70 30.86
C LYS A 196 20.99 12.45 30.51
N SER A 197 21.51 13.33 31.33
CA SER A 197 22.84 14.00 30.99
C SER A 197 24.03 12.97 30.89
N HIS A 198 23.93 11.98 31.72
CA HIS A 198 24.84 10.86 31.69
C HIS A 198 24.80 10.17 30.33
N LEU A 199 23.58 9.79 29.89
CA LEU A 199 23.45 9.11 28.60
C LEU A 199 23.94 9.99 27.47
N MET A 200 23.59 11.28 27.48
CA MET A 200 24.04 12.16 26.40
C MET A 200 25.55 12.24 26.31
N GLU A 201 26.25 12.28 27.44
CA GLU A 201 27.72 12.36 27.38
C GLU A 201 28.30 11.06 26.83
N GLU A 202 27.70 9.92 27.16
CA GLU A 202 28.11 8.64 26.59
C GLU A 202 28.00 8.66 25.07
N LEU A 203 26.91 9.20 24.54
CA LEU A 203 26.74 9.25 23.08
C LEU A 203 27.78 10.14 22.44
N LYS A 204 28.06 11.32 23.03
CA LYS A 204 29.05 12.18 22.42
C LYS A 204 30.43 11.52 22.43
N LYS A 205 30.71 10.74 23.47
CA LYS A 205 31.96 10.00 23.55
C LYS A 205 32.02 8.94 22.45
N ILE A 206 30.93 8.22 22.23
CA ILE A 206 30.87 7.24 21.15
C ILE A 206 31.20 7.91 19.83
N VAL A 207 30.61 9.09 19.58
CA VAL A 207 30.84 9.76 18.31
C VAL A 207 32.30 10.19 18.18
N ARG A 208 32.87 10.74 19.26
CA ARG A 208 34.27 11.15 19.21
C ARG A 208 35.18 9.95 18.97
N VAL A 209 34.90 8.81 19.62
CA VAL A 209 35.79 7.67 19.43
C VAL A 209 35.67 7.11 18.01
N MET A 210 34.45 7.06 17.46
CA MET A 210 34.27 6.61 16.08
C MET A 210 35.20 7.38 15.16
N LYS A 211 35.30 8.67 15.39
CA LYS A 211 35.99 9.51 14.45
C LYS A 211 37.48 9.25 14.46
N LYS A 212 37.98 8.52 15.47
CA LYS A 212 39.37 8.04 15.43
C LYS A 212 39.60 7.07 14.28
N LEU A 213 38.54 6.37 13.82
CA LEU A 213 38.64 5.44 12.71
C LEU A 213 38.08 5.97 11.40
N ASP A 214 37.05 6.83 11.45
CA ASP A 214 36.46 7.40 10.24
C ASP A 214 35.78 8.72 10.61
N VAL A 215 36.32 9.84 10.15
CA VAL A 215 35.72 11.13 10.55
C VAL A 215 34.32 11.33 10.00
N GLU A 216 33.89 10.58 8.97
CA GLU A 216 32.53 10.66 8.47
C GLU A 216 31.56 9.82 9.30
N ALA A 217 32.07 8.96 10.17
CA ALA A 217 31.19 8.14 11.00
C ALA A 217 30.76 8.94 12.21
N PRO A 218 29.50 8.79 12.68
CA PRO A 218 28.43 7.99 12.09
C PRO A 218 27.80 8.68 10.89
N HIS A 219 27.54 7.94 9.83
CA HIS A 219 26.98 8.50 8.60
C HIS A 219 25.51 8.83 8.76
N GLU A 220 24.86 8.14 9.69
CA GLU A 220 23.47 8.39 10.04
C GLU A 220 23.35 8.27 11.55
N VAL A 221 22.74 9.26 12.19
CA VAL A 221 22.34 9.18 13.59
C VAL A 221 20.83 9.06 13.61
N MET A 222 20.35 7.84 13.84
CA MET A 222 18.92 7.49 13.75
C MET A 222 18.30 7.40 15.15
N LEU A 223 17.31 8.23 15.41
CA LEU A 223 16.45 8.12 16.57
C LEU A 223 15.31 7.15 16.24
N THR A 224 14.98 6.27 17.19
CA THR A 224 13.74 5.50 17.14
C THR A 224 12.82 6.01 18.23
N ILE A 225 11.57 6.34 17.85
CA ILE A 225 10.51 6.75 18.76
C ILE A 225 9.26 5.99 18.40
N ASP A 226 8.38 5.85 19.38
CA ASP A 226 7.20 4.99 19.37
C ASP A 226 5.97 5.89 19.34
N ALA A 227 5.14 5.79 18.31
CA ALA A 227 4.02 6.71 18.16
C ALA A 227 2.99 6.57 19.28
N SER A 228 2.93 5.40 19.90
CA SER A 228 1.99 5.19 20.99
C SER A 228 2.37 5.99 22.24
N THR A 229 3.56 6.55 22.30
CA THR A 229 3.97 7.38 23.44
C THR A 229 3.62 8.86 23.25
N GLY A 230 2.88 9.20 22.19
CA GLY A 230 2.42 10.56 22.01
C GLY A 230 3.52 11.58 22.16
N GLN A 231 3.24 12.63 22.92
CA GLN A 231 4.20 13.75 23.01
C GLN A 231 5.51 13.39 23.70
N ASN A 232 5.56 12.25 24.40
CA ASN A 232 6.85 11.79 24.92
C ASN A 232 7.82 11.56 23.78
N ALA A 233 7.30 11.12 22.62
CA ALA A 233 8.14 10.97 21.44
C ALA A 233 8.81 12.29 21.08
N VAL A 234 8.07 13.39 21.21
CA VAL A 234 8.62 14.70 20.86
C VAL A 234 9.68 15.11 21.87
N SER A 235 9.42 14.88 23.15
CA SER A 235 10.41 15.26 24.13
C SER A 235 11.66 14.40 23.96
N GLN A 236 11.51 13.12 23.64
CA GLN A 236 12.68 12.28 23.37
C GLN A 236 13.47 12.81 22.17
N ALA A 237 12.80 13.10 21.05
CA ALA A 237 13.51 13.67 19.90
C ALA A 237 14.31 14.90 20.29
N LYS A 238 13.72 15.79 21.07
CA LYS A 238 14.43 17.03 21.40
C LYS A 238 15.71 16.74 22.18
N LEU A 239 15.60 15.90 23.21
CA LEU A 239 16.75 15.53 24.02
C LEU A 239 17.88 14.95 23.18
N PHE A 240 17.59 13.94 22.38
CA PHE A 240 18.66 13.28 21.65
C PHE A 240 19.22 14.20 20.57
N HIS A 241 18.35 15.00 19.96
CA HIS A 241 18.79 15.93 18.92
C HIS A 241 19.74 16.99 19.49
N GLU A 242 19.46 17.47 20.69
CA GLU A 242 20.32 18.47 21.32
C GLU A 242 21.69 17.90 21.69
N ALA A 243 21.76 16.63 22.09
CA ALA A 243 23.01 16.05 22.55
C ALA A 243 23.91 15.70 21.37
N VAL A 244 23.39 14.92 20.44
CA VAL A 244 24.08 14.66 19.20
C VAL A 244 23.10 15.04 18.11
N GLY A 245 23.63 15.33 16.95
CA GLY A 245 22.77 15.76 15.87
C GLY A 245 22.08 14.60 15.19
N LEU A 246 20.76 14.50 15.33
CA LEU A 246 20.06 13.46 14.61
C LEU A 246 20.10 13.78 13.13
N THR A 247 20.19 12.74 12.31
CA THR A 247 20.04 12.89 10.88
C THR A 247 18.87 12.09 10.34
N GLY A 248 18.25 11.24 11.14
CA GLY A 248 17.11 10.49 10.66
C GLY A 248 16.29 9.98 11.82
N ILE A 249 15.01 9.75 11.56
CA ILE A 249 14.07 9.30 12.58
C ILE A 249 13.29 8.12 12.03
N THR A 250 13.06 7.13 12.89
CA THR A 250 12.15 6.02 12.63
C THR A 250 11.03 6.11 13.64
N LEU A 251 9.79 6.16 13.18
CA LEU A 251 8.64 6.24 14.05
C LEU A 251 7.93 4.90 14.01
N THR A 252 7.93 4.19 15.13
CA THR A 252 7.37 2.85 15.21
C THR A 252 5.95 2.85 15.79
N LYS A 253 5.32 1.68 15.69
CA LYS A 253 4.07 1.37 16.39
C LYS A 253 2.95 2.31 15.97
N LEU A 254 2.90 2.64 14.69
CA LEU A 254 1.78 3.42 14.20
C LEU A 254 0.49 2.60 14.21
N ASP A 255 0.60 1.30 13.97
CA ASP A 255 -0.61 0.49 13.98
C ASP A 255 -1.14 0.42 15.42
N GLY A 256 -2.45 0.55 15.56
CA GLY A 256 -3.10 0.42 16.85
C GLY A 256 -2.99 1.58 17.83
N THR A 257 -2.33 2.70 17.48
CA THR A 257 -2.40 3.88 18.35
C THR A 257 -3.25 4.99 17.73
N ALA A 258 -4.00 5.69 18.58
CA ALA A 258 -4.74 6.85 18.15
C ALA A 258 -3.89 8.11 18.14
N LYS A 259 -2.60 8.00 18.47
CA LYS A 259 -1.74 9.18 18.58
C LYS A 259 -0.77 9.29 17.40
N GLY A 260 -1.07 8.67 16.26
CA GLY A 260 -0.17 8.71 15.12
C GLY A 260 0.02 10.11 14.59
N GLY A 261 -0.89 11.02 14.93
CA GLY A 261 -0.79 12.43 14.63
C GLY A 261 0.44 13.07 15.22
N VAL A 262 1.11 12.40 16.15
CA VAL A 262 2.36 12.93 16.65
C VAL A 262 3.41 13.07 15.55
N ILE A 263 3.26 12.34 14.44
CA ILE A 263 4.21 12.48 13.34
C ILE A 263 4.28 13.92 12.84
N PHE A 264 3.14 14.64 12.83
CA PHE A 264 3.16 16.03 12.37
C PHE A 264 3.97 16.91 13.31
N SER A 265 3.89 16.64 14.60
CA SER A 265 4.65 17.44 15.55
C SER A 265 6.14 17.15 15.40
N VAL A 266 6.50 15.87 15.26
CA VAL A 266 7.89 15.51 15.03
C VAL A 266 8.42 16.16 13.76
N ALA A 267 7.66 16.07 12.66
CA ALA A 267 8.10 16.64 11.40
C ALA A 267 8.30 18.15 11.50
N ASP A 268 7.32 18.85 12.06
CA ASP A 268 7.30 20.31 12.06
C ASP A 268 8.33 20.89 13.03
N GLN A 269 8.47 20.28 14.21
CA GLN A 269 9.32 20.88 15.21
C GLN A 269 10.80 20.73 14.88
N PHE A 270 11.19 19.67 14.19
CA PHE A 270 12.62 19.40 14.02
C PHE A 270 13.12 19.42 12.59
N GLY A 271 12.27 19.09 11.61
CA GLY A 271 12.71 19.10 10.23
C GLY A 271 13.71 18.00 9.87
N ILE A 272 13.81 16.98 10.70
CA ILE A 272 14.69 15.83 10.47
C ILE A 272 13.98 14.80 9.60
N PRO A 273 14.62 14.28 8.57
CA PRO A 273 13.97 13.24 7.77
C PRO A 273 13.43 12.11 8.63
N ILE A 274 12.18 11.74 8.35
CA ILE A 274 11.61 10.52 8.90
C ILE A 274 11.92 9.46 7.86
N ARG A 275 12.89 8.58 8.17
CA ARG A 275 13.35 7.62 7.18
C ARG A 275 12.37 6.47 7.02
N TYR A 276 11.82 5.98 8.14
CA TYR A 276 11.01 4.79 8.17
C TYR A 276 9.84 4.99 9.15
N ILE A 277 8.71 4.39 8.82
CA ILE A 277 7.61 4.22 9.75
C ILE A 277 7.35 2.73 9.92
N GLY A 278 7.07 2.33 11.18
CA GLY A 278 6.73 0.96 11.50
C GLY A 278 5.24 0.79 11.57
N VAL A 279 4.70 -0.10 10.74
CA VAL A 279 3.24 -0.17 10.59
C VAL A 279 2.77 -1.60 10.78
N GLY A 280 3.60 -2.43 11.37
CA GLY A 280 3.21 -3.80 11.58
C GLY A 280 4.39 -4.65 12.00
N GLU A 281 4.14 -5.95 12.10
CA GLU A 281 5.08 -6.87 12.70
C GLU A 281 6.11 -7.40 11.70
N ARG A 282 5.84 -7.29 10.41
CA ARG A 282 6.69 -7.89 9.40
C ARG A 282 7.93 -7.03 9.17
N ILE A 283 8.99 -7.70 8.70
CA ILE A 283 10.18 -7.00 8.24
C ILE A 283 9.80 -5.91 7.23
N GLU A 284 8.93 -6.25 6.28
CA GLU A 284 8.49 -5.27 5.29
C GLU A 284 7.62 -4.18 5.89
N ASP A 285 7.12 -4.37 7.11
CA ASP A 285 6.28 -3.35 7.70
C ASP A 285 7.08 -2.21 8.31
N LEU A 286 8.41 -2.31 8.37
CA LEU A 286 9.22 -1.13 8.59
C LEU A 286 9.37 -0.51 7.22
N ARG A 287 8.50 0.43 6.90
CA ARG A 287 8.39 0.97 5.56
C ARG A 287 9.13 2.26 5.40
N PRO A 288 9.80 2.48 4.27
CA PRO A 288 10.35 3.81 4.00
C PRO A 288 9.23 4.83 4.06
N PHE A 289 9.46 5.96 4.73
CA PHE A 289 8.40 6.93 4.86
C PHE A 289 8.19 7.68 3.56
N LYS A 290 6.97 7.67 3.06
CA LYS A 290 6.59 8.37 1.83
C LYS A 290 5.40 9.29 2.20
N ALA A 291 5.64 10.59 2.21
CA ALA A 291 4.66 11.50 2.77
C ALA A 291 3.33 11.49 2.01
N ASP A 292 3.36 11.44 0.68
CA ASP A 292 2.10 11.51 -0.05
C ASP A 292 1.27 10.24 0.21
N ASP A 293 1.92 9.09 0.33
CA ASP A 293 1.20 7.87 0.68
C ASP A 293 0.48 8.04 2.01
N PHE A 294 1.19 8.57 2.99
CA PHE A 294 0.68 8.71 4.33
C PHE A 294 -0.52 9.66 4.35
N ILE A 295 -0.39 10.80 3.65
CA ILE A 295 -1.50 11.76 3.59
C ILE A 295 -2.70 11.17 2.91
N GLU A 296 -2.49 10.45 1.79
CA GLU A 296 -3.62 9.87 1.07
C GLU A 296 -4.36 8.86 1.92
N ALA A 297 -3.62 8.01 2.64
CA ALA A 297 -4.29 7.06 3.51
C ALA A 297 -5.05 7.81 4.61
N LEU A 298 -4.46 8.88 5.14
CA LEU A 298 -5.10 9.61 6.23
C LEU A 298 -6.36 10.33 5.76
N PHE A 299 -6.21 11.05 4.69
CA PHE A 299 -7.30 11.90 4.17
C PHE A 299 -8.33 11.26 3.17
N ALA A 300 -8.14 10.00 2.91
CA ALA A 300 -8.99 9.30 1.95
C ALA A 300 -10.45 9.31 2.43
N ARG A 301 -11.41 9.67 1.65
CA ARG A 301 -12.81 9.49 2.01
C ARG A 301 -13.04 8.01 2.27
N GLU A 302 -12.92 7.19 1.22
CA GLU A 302 -13.12 5.75 1.32
C GLU A 302 -12.32 5.14 2.46
N GLY B 1 -7.13 -15.71 4.55
CA GLY B 1 -6.19 -14.66 4.90
C GLY B 1 -5.00 -14.48 3.95
N PHE B 2 -4.04 -13.68 4.41
CA PHE B 2 -2.84 -13.41 3.64
C PHE B 2 -2.09 -14.68 3.27
N ALA B 3 -2.07 -15.68 4.15
CA ALA B 3 -1.29 -16.87 3.83
C ALA B 3 -1.93 -17.61 2.65
N ARG B 4 -3.26 -17.66 2.60
CA ARG B 4 -3.91 -18.30 1.45
C ARG B 4 -3.62 -17.53 0.17
N LEU B 5 -3.50 -16.20 0.27
CA LEU B 5 -3.22 -15.41 -0.93
C LEU B 5 -1.83 -15.71 -1.46
N LYS B 6 -0.85 -15.78 -0.58
CA LYS B 6 0.48 -16.16 -1.02
C LYS B 6 0.45 -17.53 -1.69
N ARG B 7 -0.22 -18.50 -1.08
CA ARG B 7 -0.20 -19.85 -1.65
C ARG B 7 -0.90 -19.88 -2.99
N SER B 8 -1.96 -19.10 -3.16
CA SER B 8 -2.67 -19.06 -4.42
C SER B 8 -1.83 -18.49 -5.56
N LEU B 9 -0.84 -17.66 -5.27
CA LEU B 9 -0.01 -17.01 -6.27
C LEU B 9 1.33 -17.71 -6.52
N LEU B 10 1.55 -18.88 -5.93
CA LEU B 10 2.86 -19.53 -6.02
C LEU B 10 3.33 -19.69 -7.47
N LYS B 11 2.41 -20.05 -8.40
CA LYS B 11 2.87 -20.25 -9.77
C LYS B 11 3.28 -18.94 -10.44
N THR B 12 2.58 -17.85 -10.13
CA THR B 12 3.03 -16.57 -10.65
C THR B 12 4.29 -16.09 -9.95
N LYS B 13 4.46 -16.41 -8.66
CA LYS B 13 5.67 -16.07 -7.93
C LYS B 13 6.91 -16.82 -8.45
N GLU B 14 6.75 -17.85 -9.27
CA GLU B 14 7.91 -18.45 -9.90
C GLU B 14 8.67 -17.43 -10.74
N ASN B 15 7.96 -16.49 -11.35
CA ASN B 15 8.57 -15.59 -12.31
C ASN B 15 8.53 -14.13 -11.89
N LEU B 16 7.52 -13.78 -11.15
CA LEU B 16 7.37 -12.42 -10.70
C LEU B 16 7.55 -12.29 -9.18
N GLY B 17 7.84 -11.10 -8.68
CA GLY B 17 7.94 -10.87 -7.32
C GLY B 17 9.12 -11.69 -6.72
N SER B 18 8.87 -12.61 -5.80
CA SER B 18 9.96 -13.36 -5.14
C SER B 18 10.72 -14.15 -6.26
N GLY B 19 10.02 -14.45 -7.33
CA GLY B 19 10.67 -15.16 -8.40
C GLY B 19 11.81 -14.39 -9.04
N PHE B 20 11.91 -13.07 -8.79
CA PHE B 20 13.06 -12.28 -9.23
C PHE B 20 14.33 -12.57 -8.44
N ILE B 21 14.24 -13.09 -7.22
CA ILE B 21 15.39 -13.13 -6.31
C ILE B 21 16.51 -13.95 -6.92
N SER B 22 16.19 -15.14 -7.43
CA SER B 22 17.21 -16.02 -8.00
C SER B 22 17.81 -15.40 -9.26
N LEU B 23 17.03 -14.59 -9.98
CA LEU B 23 17.52 -13.91 -11.17
C LEU B 23 18.60 -12.88 -10.85
N PHE B 24 18.49 -12.21 -9.69
CA PHE B 24 19.42 -11.14 -9.35
C PHE B 24 20.62 -11.60 -8.55
N ARG B 25 20.52 -12.75 -7.88
CA ARG B 25 21.52 -13.22 -6.92
C ARG B 25 22.93 -13.18 -7.52
N GLY B 26 23.81 -12.38 -6.92
CA GLY B 26 25.21 -12.31 -7.31
C GLY B 26 25.52 -11.75 -8.69
N LYS B 27 24.56 -11.13 -9.37
CA LYS B 27 24.80 -10.60 -10.72
C LYS B 27 25.24 -9.14 -10.70
N LYS B 28 25.80 -8.71 -11.82
CA LYS B 28 26.13 -7.31 -12.03
C LYS B 28 24.95 -6.59 -12.65
N ILE B 29 24.83 -5.29 -12.37
CA ILE B 29 23.76 -4.51 -13.00
C ILE B 29 24.30 -4.10 -14.37
N ASP B 30 23.85 -4.78 -15.41
CA ASP B 30 24.31 -4.48 -16.76
C ASP B 30 23.22 -4.93 -17.74
N ASP B 31 23.49 -4.76 -19.03
CA ASP B 31 22.48 -5.03 -20.05
C ASP B 31 22.11 -6.50 -20.11
N ASP B 32 23.06 -7.40 -19.90
CA ASP B 32 22.69 -8.82 -19.86
C ASP B 32 21.61 -9.04 -18.82
N LEU B 33 21.74 -8.41 -17.66
CA LEU B 33 20.75 -8.58 -16.61
C LEU B 33 19.41 -7.98 -17.01
N PHE B 34 19.39 -6.74 -17.51
CA PHE B 34 18.10 -6.16 -17.86
C PHE B 34 17.45 -6.91 -19.00
N GLU B 35 18.24 -7.52 -19.91
CA GLU B 35 17.66 -8.33 -20.97
C GLU B 35 17.01 -9.60 -20.42
N GLU B 36 17.66 -10.28 -19.46
CA GLU B 36 17.05 -11.45 -18.84
C GLU B 36 15.78 -11.09 -18.11
N LEU B 37 15.77 -9.91 -17.46
CA LEU B 37 14.62 -9.50 -16.67
C LEU B 37 13.47 -9.13 -17.59
N GLU B 38 13.78 -8.42 -18.68
CA GLU B 38 12.78 -8.15 -19.71
C GLU B 38 12.14 -9.43 -20.17
N GLU B 39 12.98 -10.41 -20.50
CA GLU B 39 12.46 -11.67 -20.97
C GLU B 39 11.53 -12.28 -19.94
N GLN B 40 11.94 -12.28 -18.66
CA GLN B 40 11.14 -12.91 -17.61
C GLN B 40 9.80 -12.18 -17.44
N LEU B 41 9.80 -10.85 -17.52
CA LEU B 41 8.54 -10.12 -17.41
C LEU B 41 7.60 -10.47 -18.57
N LEU B 42 8.13 -10.52 -19.80
CA LEU B 42 7.31 -10.79 -20.97
C LEU B 42 6.74 -12.20 -20.93
N ILE B 43 7.55 -13.17 -20.48
CA ILE B 43 7.07 -14.54 -20.39
C ILE B 43 5.91 -14.61 -19.42
N ALA B 44 5.96 -13.80 -18.36
CA ALA B 44 4.91 -13.76 -17.36
C ALA B 44 3.65 -13.03 -17.83
N ASP B 45 3.61 -12.56 -19.08
CA ASP B 45 2.47 -11.87 -19.69
C ASP B 45 2.30 -10.44 -19.19
N VAL B 46 3.41 -9.79 -18.82
CA VAL B 46 3.33 -8.39 -18.43
C VAL B 46 3.11 -7.49 -19.64
N GLY B 47 3.55 -7.91 -20.81
CA GLY B 47 3.25 -7.15 -22.01
C GLY B 47 4.37 -6.24 -22.44
N VAL B 48 4.54 -6.07 -23.75
CA VAL B 48 5.73 -5.38 -24.26
C VAL B 48 5.80 -3.95 -23.75
N GLU B 49 4.70 -3.20 -23.86
CA GLU B 49 4.68 -1.79 -23.51
C GLU B 49 4.87 -1.59 -22.01
N THR B 50 4.17 -2.38 -21.19
CA THR B 50 4.32 -2.24 -19.75
C THR B 50 5.70 -2.69 -19.29
N THR B 51 6.21 -3.78 -19.89
CA THR B 51 7.56 -4.21 -19.57
C THR B 51 8.57 -3.13 -19.94
N ARG B 52 8.39 -2.49 -21.08
CA ARG B 52 9.33 -1.45 -21.48
C ARG B 52 9.34 -0.30 -20.47
N LYS B 53 8.17 0.07 -19.93
CA LYS B 53 8.09 1.11 -18.92
C LYS B 53 8.83 0.69 -17.66
N ILE B 54 8.61 -0.54 -17.22
CA ILE B 54 9.22 -1.02 -15.98
C ILE B 54 10.73 -1.02 -16.11
N ILE B 55 11.25 -1.63 -17.19
CA ILE B 55 12.69 -1.71 -17.42
C ILE B 55 13.29 -0.33 -17.53
N THR B 56 12.62 0.58 -18.24
CA THR B 56 13.16 1.92 -18.38
C THR B 56 13.25 2.61 -17.02
N ASN B 57 12.15 2.62 -16.26
CA ASN B 57 12.18 3.27 -14.96
C ASN B 57 13.19 2.61 -14.03
N LEU B 58 13.29 1.27 -14.08
CA LEU B 58 14.28 0.57 -13.25
C LEU B 58 15.70 0.97 -13.63
N THR B 59 16.01 1.00 -14.92
CA THR B 59 17.36 1.38 -15.37
C THR B 59 17.72 2.77 -14.86
N GLU B 60 16.78 3.72 -14.98
CA GLU B 60 17.01 5.10 -14.53
C GLU B 60 17.15 5.18 -13.02
N GLY B 61 16.24 4.54 -12.28
CA GLY B 61 16.33 4.52 -10.84
C GLY B 61 17.61 3.88 -10.33
N ALA B 62 18.12 2.92 -11.08
CA ALA B 62 19.34 2.24 -10.65
C ALA B 62 20.54 3.15 -10.80
N SER B 63 20.61 3.85 -11.93
CA SER B 63 21.63 4.86 -12.14
C SER B 63 21.53 5.97 -11.09
N ARG B 64 20.35 6.56 -10.95
CA ARG B 64 20.19 7.66 -10.00
C ARG B 64 20.64 7.28 -8.60
N LYS B 65 20.24 6.10 -8.15
CA LYS B 65 20.58 5.66 -6.82
C LYS B 65 22.00 5.11 -6.71
N GLN B 66 22.73 5.05 -7.82
CA GLN B 66 24.10 4.53 -7.87
C GLN B 66 24.21 3.13 -7.26
N LEU B 67 23.28 2.26 -7.64
CA LEU B 67 23.25 0.91 -7.09
C LEU B 67 24.44 0.09 -7.59
N ARG B 68 24.92 -0.78 -6.70
CA ARG B 68 26.09 -1.62 -6.97
C ARG B 68 25.68 -3.04 -7.21
N ASP B 69 24.68 -3.49 -6.46
CA ASP B 69 24.31 -4.90 -6.38
C ASP B 69 22.98 -5.12 -7.06
N ALA B 70 22.93 -6.11 -7.95
CA ALA B 70 21.68 -6.40 -8.64
C ALA B 70 20.59 -6.78 -7.66
N GLU B 71 20.95 -7.34 -6.50
CA GLU B 71 19.97 -7.65 -5.48
C GLU B 71 19.15 -6.41 -5.10
N ALA B 72 19.75 -5.22 -5.17
CA ALA B 72 19.07 -4.00 -4.80
C ALA B 72 18.00 -3.61 -5.80
N LEU B 73 17.96 -4.23 -6.99
CA LEU B 73 16.88 -3.98 -7.92
C LEU B 73 15.52 -4.45 -7.42
N TYR B 74 15.51 -5.37 -6.46
CA TYR B 74 14.25 -5.97 -6.02
C TYR B 74 13.31 -4.92 -5.44
N GLY B 75 13.80 -4.10 -4.52
CA GLY B 75 12.94 -3.07 -3.96
C GLY B 75 12.47 -2.06 -4.97
N LEU B 76 13.31 -1.73 -5.97
CA LEU B 76 12.90 -0.76 -6.96
C LEU B 76 11.81 -1.34 -7.83
N LEU B 77 11.93 -2.62 -8.18
CA LEU B 77 10.91 -3.31 -8.96
C LEU B 77 9.61 -3.43 -8.18
N LYS B 78 9.68 -3.77 -6.90
CA LYS B 78 8.48 -3.82 -6.08
C LYS B 78 7.79 -2.46 -6.04
N GLU B 79 8.55 -1.37 -5.92
CA GLU B 79 7.93 -0.05 -5.96
C GLU B 79 7.30 0.20 -7.33
N GLU B 80 8.02 -0.09 -8.42
CA GLU B 80 7.51 0.23 -9.74
C GLU B 80 6.23 -0.54 -10.02
N MET B 81 6.24 -1.85 -9.74
CA MET B 81 5.07 -2.69 -10.05
C MET B 81 3.95 -2.40 -9.06
N GLY B 82 4.30 -2.01 -7.84
CA GLY B 82 3.27 -1.61 -6.90
C GLY B 82 2.57 -0.35 -7.33
N GLU B 83 3.32 0.59 -7.92
CA GLU B 83 2.73 1.86 -8.35
C GLU B 83 1.74 1.63 -9.48
N ILE B 84 2.06 0.70 -10.38
CA ILE B 84 1.14 0.37 -11.46
C ILE B 84 -0.19 -0.09 -10.89
N LEU B 85 -0.16 -0.97 -9.89
CA LEU B 85 -1.40 -1.48 -9.31
C LEU B 85 -2.09 -0.46 -8.40
N ALA B 86 -1.32 0.36 -7.69
CA ALA B 86 -1.93 1.40 -6.85
C ALA B 86 -2.82 2.34 -7.65
N LYS B 87 -2.45 2.65 -8.90
CA LYS B 87 -3.25 3.56 -9.71
C LYS B 87 -4.63 3.02 -10.08
N VAL B 88 -4.83 1.73 -10.00
CA VAL B 88 -6.14 1.15 -10.27
C VAL B 88 -6.72 0.46 -9.04
N ASP B 89 -6.41 0.96 -7.84
CA ASP B 89 -6.70 0.30 -6.55
C ASP B 89 -7.91 0.98 -5.87
N GLU B 90 -8.99 1.27 -6.61
CA GLU B 90 -10.21 1.98 -6.09
C GLU B 90 -11.27 0.89 -5.89
N PRO B 91 -11.71 0.58 -4.66
CA PRO B 91 -12.67 -0.47 -4.46
C PRO B 91 -14.05 -0.08 -4.97
N LEU B 92 -14.82 -1.07 -5.33
CA LEU B 92 -16.19 -0.83 -5.74
C LEU B 92 -17.05 -0.60 -4.49
N ASN B 93 -17.78 0.51 -4.48
CA ASN B 93 -18.74 0.81 -3.43
C ASN B 93 -20.14 0.79 -4.02
N VAL B 94 -20.97 -0.16 -3.59
CA VAL B 94 -22.29 -0.35 -4.18
C VAL B 94 -23.39 0.24 -3.30
N GLU B 95 -23.02 1.02 -2.28
CA GLU B 95 -23.99 1.50 -1.31
C GLU B 95 -24.80 2.68 -1.84
N GLY B 96 -25.88 2.87 -1.14
CA GLY B 96 -26.66 4.04 -1.25
C GLY B 96 -27.48 4.34 -2.51
N LYS B 97 -27.80 3.31 -3.31
CA LYS B 97 -28.61 3.40 -4.56
C LYS B 97 -29.82 2.36 -4.51
N ALA B 98 -30.85 2.50 -5.36
CA ALA B 98 -32.10 1.75 -5.32
C ALA B 98 -32.65 1.36 -6.72
N PRO B 99 -31.97 0.50 -7.47
CA PRO B 99 -30.76 -0.24 -7.10
C PRO B 99 -29.40 0.39 -7.61
N PHE B 100 -28.27 -0.03 -7.03
CA PHE B 100 -26.93 0.23 -7.59
C PHE B 100 -26.94 -0.83 -8.75
N VAL B 101 -26.70 -0.39 -9.97
CA VAL B 101 -26.74 -1.25 -11.15
C VAL B 101 -25.33 -1.54 -11.67
N ILE B 102 -25.03 -2.82 -11.69
CA ILE B 102 -23.77 -3.28 -12.25
C ILE B 102 -24.07 -3.94 -13.58
N LEU B 103 -23.53 -3.39 -14.65
CA LEU B 103 -23.65 -3.99 -15.98
C LEU B 103 -22.41 -4.85 -16.19
N MET B 104 -22.61 -6.16 -16.28
CA MET B 104 -21.51 -7.11 -16.41
C MET B 104 -21.24 -7.38 -17.89
N VAL B 105 -20.03 -7.02 -18.34
CA VAL B 105 -19.65 -7.23 -19.73
C VAL B 105 -18.45 -8.16 -19.78
N GLY B 106 -18.26 -8.72 -20.93
CA GLY B 106 -17.16 -9.61 -21.17
C GLY B 106 -17.49 -10.85 -22.05
N VAL B 107 -16.50 -11.64 -22.45
CA VAL B 107 -16.82 -12.83 -23.29
C VAL B 107 -17.39 -13.90 -22.44
N ASN B 108 -18.02 -14.82 -23.13
CA ASN B 108 -18.57 -15.97 -22.45
C ASN B 108 -17.37 -16.90 -22.03
N GLY B 109 -17.47 -17.69 -21.00
CA GLY B 109 -16.40 -18.60 -20.58
C GLY B 109 -15.03 -18.06 -19.98
N VAL B 110 -15.08 -16.89 -19.31
CA VAL B 110 -13.96 -16.24 -18.57
C VAL B 110 -14.29 -16.04 -17.06
N GLY B 111 -15.25 -16.81 -16.49
CA GLY B 111 -15.77 -16.59 -15.18
C GLY B 111 -16.82 -15.44 -15.01
N LYS B 112 -17.48 -15.00 -16.10
CA LYS B 112 -18.39 -13.86 -16.00
C LYS B 112 -19.58 -14.36 -15.14
N THR B 113 -20.17 -15.48 -15.50
CA THR B 113 -21.35 -15.97 -14.78
C THR B 113 -20.99 -16.33 -13.35
N THR B 114 -19.84 -16.97 -13.16
CA THR B 114 -19.36 -17.28 -11.82
C THR B 114 -19.24 -16.01 -10.98
N THR B 115 -18.68 -14.96 -11.57
CA THR B 115 -18.45 -13.71 -10.85
C THR B 115 -19.78 -13.09 -10.44
N ILE B 116 -20.74 -13.14 -11.31
CA ILE B 116 -22.05 -12.59 -10.97
C ILE B 116 -22.61 -13.30 -9.68
N GLY B 117 -22.55 -14.61 -9.62
CA GLY B 117 -23.06 -15.35 -8.49
C GLY B 117 -22.32 -15.04 -7.20
N LYS B 118 -20.99 -15.04 -7.30
CA LYS B 118 -20.19 -14.76 -6.10
C LYS B 118 -20.42 -13.34 -5.60
N LEU B 119 -20.46 -12.36 -6.49
CA LEU B 119 -20.76 -11.00 -6.05
C LEU B 119 -22.14 -10.93 -5.41
N ALA B 120 -23.14 -11.53 -6.04
CA ALA B 120 -24.49 -11.55 -5.46
C ALA B 120 -24.47 -12.12 -4.05
N ARG B 121 -23.78 -13.25 -3.84
CA ARG B 121 -23.74 -13.82 -2.49
C ARG B 121 -22.97 -12.92 -1.51
N GLN B 122 -21.88 -12.32 -1.95
CA GLN B 122 -21.15 -11.43 -1.06
C GLN B 122 -22.01 -10.25 -0.60
N PHE B 123 -22.73 -9.63 -1.55
CA PHE B 123 -23.55 -8.48 -1.22
C PHE B 123 -24.67 -8.88 -0.26
N GLU B 124 -25.25 -10.06 -0.48
CA GLU B 124 -26.29 -10.60 0.41
C GLU B 124 -25.75 -10.84 1.81
N GLN B 125 -24.55 -11.41 1.90
CA GLN B 125 -23.91 -11.61 3.20
C GLN B 125 -23.66 -10.29 3.91
N GLN B 126 -23.47 -9.21 3.16
CA GLN B 126 -23.29 -7.89 3.73
C GLN B 126 -24.60 -7.25 4.16
N GLY B 127 -25.72 -7.95 4.01
CA GLY B 127 -27.01 -7.40 4.36
C GLY B 127 -27.76 -6.69 3.24
N LYS B 128 -27.26 -6.73 2.01
CA LYS B 128 -27.96 -6.12 0.89
C LYS B 128 -28.86 -7.11 0.18
N SER B 129 -29.93 -6.58 -0.43
CA SER B 129 -30.82 -7.33 -1.30
C SER B 129 -30.32 -7.22 -2.73
N VAL B 130 -30.42 -8.32 -3.43
CA VAL B 130 -29.84 -8.45 -4.77
C VAL B 130 -30.87 -9.00 -5.75
N MET B 131 -30.76 -8.54 -6.99
CA MET B 131 -31.53 -9.05 -8.11
C MET B 131 -30.57 -9.22 -9.28
N LEU B 132 -30.84 -10.22 -10.13
CA LEU B 132 -30.08 -10.46 -11.34
C LEU B 132 -30.95 -10.23 -12.57
N ALA B 133 -30.32 -9.82 -13.66
CA ALA B 133 -30.98 -9.72 -14.95
C ALA B 133 -30.26 -10.64 -15.92
N ALA B 134 -31.02 -11.56 -16.51
CA ALA B 134 -30.48 -12.51 -17.48
C ALA B 134 -30.47 -11.91 -18.89
N GLY B 135 -29.55 -10.97 -19.08
CA GLY B 135 -29.43 -10.20 -20.30
C GLY B 135 -28.74 -10.87 -21.47
N ASP B 136 -28.15 -12.06 -21.28
CA ASP B 136 -27.53 -12.80 -22.39
C ASP B 136 -28.62 -13.63 -23.07
N THR B 137 -29.50 -12.94 -23.80
CA THR B 137 -30.83 -13.48 -24.05
C THR B 137 -30.89 -14.52 -25.17
N PHE B 138 -29.90 -14.60 -26.05
CA PHE B 138 -29.92 -15.56 -27.15
C PHE B 138 -29.21 -16.86 -26.82
N ARG B 139 -28.66 -16.99 -25.63
CA ARG B 139 -27.98 -18.20 -25.19
C ARG B 139 -28.87 -18.88 -24.14
N ALA B 140 -29.73 -19.79 -24.61
CA ALA B 140 -30.78 -20.32 -23.74
C ALA B 140 -30.18 -21.07 -22.55
N ALA B 141 -29.07 -21.75 -22.75
CA ALA B 141 -28.48 -22.54 -21.68
C ALA B 141 -27.94 -21.65 -20.57
N ALA B 142 -27.39 -20.49 -20.93
CA ALA B 142 -26.85 -19.57 -19.94
C ALA B 142 -27.97 -18.91 -19.13
N VAL B 143 -29.07 -18.54 -19.80
CA VAL B 143 -30.19 -17.95 -19.07
C VAL B 143 -30.69 -18.94 -18.03
N GLU B 144 -30.96 -20.17 -18.48
CA GLU B 144 -31.47 -21.21 -17.59
C GLU B 144 -30.51 -21.46 -16.44
N GLN B 145 -29.21 -21.33 -16.67
CA GLN B 145 -28.25 -21.52 -15.59
C GLN B 145 -28.36 -20.41 -14.54
N LEU B 146 -28.54 -19.15 -14.98
CA LEU B 146 -28.74 -18.08 -14.00
C LEU B 146 -30.05 -18.28 -13.24
N GLN B 147 -31.12 -18.65 -13.96
CA GLN B 147 -32.40 -18.87 -13.30
C GLN B 147 -32.28 -19.98 -12.26
N VAL B 148 -31.69 -21.12 -12.64
CA VAL B 148 -31.56 -22.22 -11.69
C VAL B 148 -30.75 -21.77 -10.48
N TRP B 149 -29.66 -21.04 -10.71
CA TRP B 149 -28.86 -20.55 -9.59
C TRP B 149 -29.68 -19.61 -8.72
N GLY B 150 -30.46 -18.73 -9.35
CA GLY B 150 -31.31 -17.86 -8.58
C GLY B 150 -32.32 -18.65 -7.77
N GLN B 151 -32.90 -19.69 -8.40
CA GLN B 151 -33.86 -20.54 -7.72
C GLN B 151 -33.21 -21.27 -6.54
N ARG B 152 -31.95 -21.68 -6.68
CA ARG B 152 -31.29 -22.35 -5.57
C ARG B 152 -30.89 -21.40 -4.45
N ASN B 153 -30.71 -20.10 -4.73
CA ASN B 153 -30.19 -19.17 -3.73
C ASN B 153 -31.20 -18.13 -3.27
N ASN B 154 -32.46 -18.27 -3.63
CA ASN B 154 -33.51 -17.34 -3.22
C ASN B 154 -33.16 -15.90 -3.64
N ILE B 155 -32.73 -15.74 -4.90
CA ILE B 155 -32.41 -14.44 -5.46
C ILE B 155 -33.19 -14.27 -6.75
N PRO B 156 -33.98 -13.20 -6.91
CA PRO B 156 -34.78 -13.06 -8.12
C PRO B 156 -33.92 -12.85 -9.36
N VAL B 157 -34.35 -13.46 -10.46
CA VAL B 157 -33.66 -13.37 -11.74
C VAL B 157 -34.71 -13.01 -12.76
N ILE B 158 -34.51 -11.88 -13.43
CA ILE B 158 -35.43 -11.41 -14.44
C ILE B 158 -34.94 -11.95 -15.76
N ALA B 159 -35.85 -12.61 -16.50
CA ALA B 159 -35.50 -13.30 -17.73
C ALA B 159 -36.71 -13.31 -18.65
N GLN B 160 -36.45 -13.31 -19.96
CA GLN B 160 -37.52 -13.44 -20.95
C GLN B 160 -37.15 -14.59 -21.89
N HIS B 161 -38.04 -14.82 -22.87
CA HIS B 161 -37.89 -15.93 -23.80
C HIS B 161 -36.59 -15.81 -24.59
N THR B 162 -36.10 -16.96 -25.07
CA THR B 162 -34.91 -16.98 -25.90
C THR B 162 -35.07 -16.05 -27.09
N GLY B 163 -34.06 -15.20 -27.27
CA GLY B 163 -34.13 -14.21 -28.32
C GLY B 163 -34.83 -12.92 -27.93
N ALA B 164 -35.25 -12.77 -26.69
CA ALA B 164 -35.79 -11.49 -26.26
C ALA B 164 -34.75 -10.39 -26.45
N ASP B 165 -35.22 -9.15 -26.47
CA ASP B 165 -34.32 -8.01 -26.52
C ASP B 165 -33.64 -7.81 -25.15
N SER B 166 -32.30 -7.85 -25.16
N SER B 166 -32.31 -7.86 -25.15
CA SER B 166 -31.56 -7.74 -23.90
CA SER B 166 -31.53 -7.74 -23.93
C SER B 166 -31.85 -6.43 -23.19
C SER B 166 -31.85 -6.43 -23.20
N ALA B 167 -31.94 -5.32 -23.95
CA ALA B 167 -32.22 -4.03 -23.32
C ALA B 167 -33.60 -4.03 -22.65
N SER B 168 -34.59 -4.73 -23.22
CA SER B 168 -35.89 -4.83 -22.58
C SER B 168 -35.85 -5.67 -21.32
N VAL B 169 -35.16 -6.80 -21.36
CA VAL B 169 -35.01 -7.57 -20.12
C VAL B 169 -34.39 -6.70 -19.03
N ILE B 170 -33.35 -5.95 -19.37
CA ILE B 170 -32.65 -5.21 -18.32
C ILE B 170 -33.49 -4.00 -17.85
N PHE B 171 -34.22 -3.39 -18.77
CA PHE B 171 -35.20 -2.36 -18.43
C PHE B 171 -36.23 -2.89 -17.44
N ASP B 172 -36.80 -4.05 -17.73
CA ASP B 172 -37.78 -4.63 -16.83
C ASP B 172 -37.16 -4.94 -15.47
N ALA B 173 -35.90 -5.35 -15.47
CA ALA B 173 -35.24 -5.67 -14.21
C ALA B 173 -34.99 -4.42 -13.36
N ILE B 174 -34.60 -3.29 -13.99
CA ILE B 174 -34.41 -2.06 -13.22
C ILE B 174 -35.75 -1.60 -12.65
N GLN B 175 -36.80 -1.68 -13.48
CA GLN B 175 -38.14 -1.31 -13.03
C GLN B 175 -38.56 -2.15 -11.83
N ALA B 176 -38.39 -3.46 -11.94
CA ALA B 176 -38.71 -4.33 -10.83
C ALA B 176 -37.86 -4.02 -9.60
N ALA B 177 -36.55 -3.85 -9.79
CA ALA B 177 -35.70 -3.58 -8.64
C ALA B 177 -36.06 -2.27 -7.95
N LYS B 178 -36.41 -1.23 -8.72
CA LYS B 178 -36.72 0.03 -8.10
C LYS B 178 -38.00 -0.08 -7.28
N ALA B 179 -38.99 -0.80 -7.79
CA ALA B 179 -40.26 -0.96 -7.09
C ALA B 179 -40.10 -1.77 -5.80
N ARG B 180 -39.12 -2.66 -5.74
CA ARG B 180 -38.91 -3.50 -4.57
C ARG B 180 -37.78 -3.01 -3.68
N ASN B 181 -37.24 -1.81 -3.94
CA ASN B 181 -36.17 -1.21 -3.14
C ASN B 181 -34.99 -2.18 -3.02
N ILE B 182 -34.72 -2.90 -4.12
CA ILE B 182 -33.53 -3.76 -4.20
C ILE B 182 -32.28 -2.90 -4.11
N ASP B 183 -31.28 -3.36 -3.34
CA ASP B 183 -30.08 -2.57 -3.18
C ASP B 183 -29.14 -2.67 -4.39
N VAL B 184 -29.00 -3.85 -4.98
CA VAL B 184 -28.02 -4.09 -6.04
C VAL B 184 -28.67 -4.93 -7.15
N LEU B 185 -28.58 -4.45 -8.38
CA LEU B 185 -28.97 -5.21 -9.56
C LEU B 185 -27.73 -5.53 -10.40
N ILE B 186 -27.52 -6.80 -10.67
CA ILE B 186 -26.40 -7.27 -11.49
C ILE B 186 -26.95 -7.83 -12.78
N ALA B 187 -26.58 -7.19 -13.89
CA ALA B 187 -27.12 -7.48 -15.21
C ALA B 187 -26.07 -8.16 -16.08
N ASP B 188 -26.36 -9.39 -16.49
CA ASP B 188 -25.58 -10.12 -17.48
C ASP B 188 -25.87 -9.58 -18.87
N THR B 189 -24.90 -9.74 -19.71
CA THR B 189 -25.05 -9.33 -21.06
C THR B 189 -24.43 -10.37 -22.07
N ALA B 190 -24.71 -10.24 -23.36
CA ALA B 190 -24.18 -11.20 -24.34
C ALA B 190 -22.63 -11.01 -24.39
N GLY B 191 -21.85 -12.06 -24.63
CA GLY B 191 -20.39 -12.01 -24.73
C GLY B 191 -19.85 -12.70 -26.01
N ARG B 192 -20.61 -12.60 -27.09
CA ARG B 192 -20.18 -13.18 -28.39
C ARG B 192 -19.28 -12.20 -28.99
N LEU B 193 -18.09 -12.56 -29.46
CA LEU B 193 -17.21 -11.50 -29.96
C LEU B 193 -17.15 -11.13 -31.46
N GLN B 194 -17.74 -11.89 -32.32
CA GLN B 194 -17.50 -11.66 -33.79
C GLN B 194 -17.73 -10.21 -34.36
N ASN B 195 -18.83 -9.53 -33.96
CA ASN B 195 -19.28 -8.26 -34.53
C ASN B 195 -18.87 -7.12 -33.46
N LYS B 196 -17.68 -6.60 -33.53
CA LYS B 196 -17.29 -5.55 -32.61
C LYS B 196 -18.28 -4.37 -32.76
N SER B 197 -18.56 -4.02 -33.98
CA SER B 197 -19.50 -2.93 -34.19
C SER B 197 -20.87 -3.29 -33.64
N HIS B 198 -21.27 -4.54 -33.77
CA HIS B 198 -22.51 -5.00 -33.16
C HIS B 198 -22.45 -4.85 -31.65
N LEU B 199 -21.34 -5.29 -31.05
CA LEU B 199 -21.22 -5.26 -29.60
C LEU B 199 -21.37 -3.84 -29.08
N MET B 200 -20.68 -2.89 -29.70
CA MET B 200 -20.84 -1.50 -29.30
C MET B 200 -22.31 -1.09 -29.41
N GLU B 201 -23.01 -1.61 -30.42
CA GLU B 201 -24.41 -1.22 -30.58
C GLU B 201 -25.32 -1.86 -29.54
N GLU B 202 -25.16 -3.17 -29.28
CA GLU B 202 -26.04 -3.80 -28.29
C GLU B 202 -25.80 -3.20 -26.91
N LEU B 203 -24.54 -3.00 -26.55
CA LEU B 203 -24.25 -2.39 -25.25
C LEU B 203 -24.70 -0.93 -25.19
N LYS B 204 -24.43 -0.14 -26.23
CA LYS B 204 -24.91 1.23 -26.18
C LYS B 204 -26.42 1.25 -26.11
N LYS B 205 -27.09 0.29 -26.77
CA LYS B 205 -28.55 0.25 -26.68
C LYS B 205 -28.99 -0.04 -25.25
N ILE B 206 -28.35 -1.03 -24.61
CA ILE B 206 -28.69 -1.37 -23.23
C ILE B 206 -28.55 -0.16 -22.33
N VAL B 207 -27.45 0.57 -22.46
CA VAL B 207 -27.21 1.71 -21.57
C VAL B 207 -28.25 2.79 -21.78
N ARG B 208 -28.57 3.10 -23.05
CA ARG B 208 -29.55 4.15 -23.34
C ARG B 208 -30.92 3.80 -22.78
N VAL B 209 -31.32 2.54 -22.89
CA VAL B 209 -32.61 2.12 -22.38
C VAL B 209 -32.61 2.21 -20.86
N MET B 210 -31.49 1.84 -20.21
CA MET B 210 -31.40 1.95 -18.76
C MET B 210 -31.71 3.37 -18.30
N LYS B 211 -31.18 4.34 -19.01
CA LYS B 211 -31.19 5.72 -18.60
C LYS B 211 -32.57 6.32 -18.76
N LYS B 212 -33.47 5.63 -19.47
CA LYS B 212 -34.89 6.03 -19.44
C LYS B 212 -35.48 5.89 -18.04
N LEU B 213 -34.99 4.94 -17.24
CA LEU B 213 -35.49 4.75 -15.89
C LEU B 213 -34.60 5.36 -14.82
N ASP B 214 -33.31 5.50 -15.09
CA ASP B 214 -32.39 6.07 -14.12
C ASP B 214 -31.21 6.65 -14.88
N VAL B 215 -31.06 7.97 -14.95
CA VAL B 215 -29.97 8.56 -15.71
C VAL B 215 -28.63 8.18 -15.11
N GLU B 216 -28.59 7.73 -13.87
CA GLU B 216 -27.34 7.34 -13.23
C GLU B 216 -26.91 5.92 -13.57
N ALA B 217 -27.79 5.12 -14.14
CA ALA B 217 -27.52 3.73 -14.44
C ALA B 217 -26.90 3.63 -15.83
N PRO B 218 -25.96 2.70 -16.04
CA PRO B 218 -25.41 1.77 -15.04
C PRO B 218 -24.43 2.49 -14.13
N HIS B 219 -24.46 2.19 -12.84
CA HIS B 219 -23.54 2.85 -11.92
C HIS B 219 -22.13 2.29 -12.03
N GLU B 220 -22.02 1.04 -12.48
CA GLU B 220 -20.74 0.40 -12.73
C GLU B 220 -20.87 -0.44 -14.00
N VAL B 221 -19.91 -0.30 -14.92
CA VAL B 221 -19.79 -1.20 -16.06
C VAL B 221 -18.57 -2.04 -15.77
N MET B 222 -18.77 -3.31 -15.44
CA MET B 222 -17.72 -4.21 -14.98
CA MET B 222 -17.71 -4.20 -14.99
C MET B 222 -17.36 -5.21 -16.07
N LEU B 223 -16.10 -5.19 -16.50
CA LEU B 223 -15.55 -6.22 -17.38
C LEU B 223 -15.04 -7.38 -16.53
N THR B 224 -15.29 -8.61 -17.00
CA THR B 224 -14.66 -9.79 -16.44
C THR B 224 -13.74 -10.40 -17.50
N ILE B 225 -12.49 -10.66 -17.09
CA ILE B 225 -11.47 -11.31 -17.93
C ILE B 225 -10.75 -12.37 -17.11
N ASP B 226 -10.18 -13.35 -17.81
CA ASP B 226 -9.64 -14.55 -17.19
C ASP B 226 -8.12 -14.42 -17.26
N ALA B 227 -7.48 -14.39 -16.11
CA ALA B 227 -6.03 -14.15 -16.13
C ALA B 227 -5.27 -15.31 -16.75
N SER B 228 -5.81 -16.52 -16.70
CA SER B 228 -5.12 -17.67 -17.25
C SER B 228 -5.14 -17.71 -18.78
N THR B 229 -5.91 -16.83 -19.42
CA THR B 229 -5.94 -16.68 -20.87
C THR B 229 -4.91 -15.67 -21.36
N GLY B 230 -3.98 -15.26 -20.50
CA GLY B 230 -2.89 -14.42 -20.94
C GLY B 230 -3.33 -13.19 -21.72
N GLN B 231 -2.65 -12.92 -22.83
CA GLN B 231 -2.94 -11.71 -23.59
C GLN B 231 -4.31 -11.74 -24.27
N ASN B 232 -5.04 -12.84 -24.26
CA ASN B 232 -6.42 -12.73 -24.72
C ASN B 232 -7.21 -11.81 -23.80
N ALA B 233 -6.92 -11.86 -22.49
CA ALA B 233 -7.54 -10.95 -21.55
C ALA B 233 -7.23 -9.51 -21.89
N VAL B 234 -6.00 -9.22 -22.29
CA VAL B 234 -5.69 -7.84 -22.62
C VAL B 234 -6.48 -7.40 -23.85
N SER B 235 -6.57 -8.27 -24.87
CA SER B 235 -7.29 -7.88 -26.08
C SER B 235 -8.78 -7.73 -25.82
N GLN B 236 -9.35 -8.59 -24.99
CA GLN B 236 -10.75 -8.41 -24.60
C GLN B 236 -10.97 -7.08 -23.89
N ALA B 237 -10.11 -6.76 -22.91
CA ALA B 237 -10.18 -5.47 -22.22
C ALA B 237 -10.17 -4.32 -23.22
N LYS B 238 -9.30 -4.40 -24.22
CA LYS B 238 -9.21 -3.34 -25.20
C LYS B 238 -10.51 -3.23 -25.97
N LEU B 239 -11.01 -4.38 -26.41
CA LEU B 239 -12.25 -4.41 -27.17
C LEU B 239 -13.39 -3.79 -26.37
N PHE B 240 -13.62 -4.28 -25.15
CA PHE B 240 -14.78 -3.76 -24.41
C PHE B 240 -14.56 -2.34 -23.93
N HIS B 241 -13.33 -1.95 -23.60
CA HIS B 241 -13.14 -0.57 -23.19
C HIS B 241 -13.42 0.40 -24.33
N GLU B 242 -12.99 0.05 -25.55
CA GLU B 242 -13.35 0.86 -26.71
C GLU B 242 -14.83 0.75 -27.03
N ALA B 243 -15.44 -0.39 -26.74
CA ALA B 243 -16.85 -0.58 -27.08
C ALA B 243 -17.78 0.18 -26.14
N VAL B 244 -17.55 0.08 -24.84
CA VAL B 244 -18.39 0.72 -23.84
C VAL B 244 -17.51 1.41 -22.80
N GLY B 245 -18.08 2.33 -22.04
CA GLY B 245 -17.22 2.92 -21.02
C GLY B 245 -17.07 2.03 -19.80
N LEU B 246 -15.92 1.37 -19.63
CA LEU B 246 -15.69 0.55 -18.44
C LEU B 246 -15.40 1.40 -17.23
N THR B 247 -15.91 0.97 -16.08
CA THR B 247 -15.54 1.60 -14.83
C THR B 247 -14.91 0.64 -13.82
N GLY B 248 -14.87 -0.66 -14.12
CA GLY B 248 -14.29 -1.62 -13.20
C GLY B 248 -13.91 -2.90 -13.92
N ILE B 249 -12.91 -3.59 -13.39
CA ILE B 249 -12.45 -4.84 -13.96
C ILE B 249 -12.35 -5.90 -12.86
N THR B 250 -12.80 -7.12 -13.18
CA THR B 250 -12.60 -8.31 -12.35
C THR B 250 -11.73 -9.24 -13.16
N LEU B 251 -10.64 -9.69 -12.57
CA LEU B 251 -9.72 -10.63 -13.20
C LEU B 251 -9.83 -11.95 -12.44
N THR B 252 -10.28 -13.00 -13.11
CA THR B 252 -10.50 -14.29 -12.47
C THR B 252 -9.33 -15.25 -12.70
N LYS B 253 -9.34 -16.32 -11.91
CA LYS B 253 -8.43 -17.46 -12.06
C LYS B 253 -6.96 -17.02 -11.97
N LEU B 254 -6.65 -16.13 -11.03
CA LEU B 254 -5.25 -15.79 -10.76
C LEU B 254 -4.51 -16.96 -10.13
N ASP B 255 -5.22 -17.82 -9.41
CA ASP B 255 -4.58 -18.96 -8.75
C ASP B 255 -4.21 -20.02 -9.79
N GLY B 256 -3.11 -20.69 -9.52
CA GLY B 256 -2.78 -21.84 -10.33
C GLY B 256 -2.31 -21.54 -11.73
N THR B 257 -2.21 -20.27 -12.13
CA THR B 257 -1.58 -19.91 -13.40
C THR B 257 -0.24 -19.21 -13.17
N ALA B 258 0.73 -19.48 -14.06
CA ALA B 258 1.98 -18.75 -14.08
C ALA B 258 1.89 -17.45 -14.85
N LYS B 259 0.69 -17.09 -15.30
CA LYS B 259 0.46 -15.93 -16.17
C LYS B 259 -0.11 -14.75 -15.40
N GLY B 260 0.11 -14.69 -14.07
CA GLY B 260 -0.43 -13.61 -13.25
C GLY B 260 0.07 -12.23 -13.63
N GLY B 261 1.09 -12.14 -14.49
CA GLY B 261 1.54 -10.86 -15.00
C GLY B 261 0.52 -10.06 -15.77
N VAL B 262 -0.55 -10.69 -16.26
CA VAL B 262 -1.47 -9.92 -17.04
C VAL B 262 -2.16 -8.81 -16.25
N ILE B 263 -2.23 -8.94 -14.92
CA ILE B 263 -2.86 -7.87 -14.13
C ILE B 263 -2.11 -6.55 -14.32
N PHE B 264 -0.78 -6.60 -14.39
CA PHE B 264 0.02 -5.40 -14.60
C PHE B 264 -0.22 -4.78 -15.97
N SER B 265 -0.37 -5.62 -17.00
CA SER B 265 -0.63 -5.10 -18.33
C SER B 265 -1.99 -4.40 -18.38
N VAL B 266 -3.01 -5.04 -17.81
CA VAL B 266 -4.36 -4.46 -17.75
C VAL B 266 -4.35 -3.15 -16.97
N ALA B 267 -3.72 -3.14 -15.80
CA ALA B 267 -3.67 -1.92 -15.02
C ALA B 267 -3.02 -0.80 -15.82
N ASP B 268 -1.86 -1.08 -16.41
CA ASP B 268 -1.05 -0.02 -17.03
C ASP B 268 -1.65 0.46 -18.34
N GLN B 269 -2.17 -0.45 -19.16
CA GLN B 269 -2.64 -0.05 -20.48
C GLN B 269 -3.97 0.71 -20.39
N PHE B 270 -4.79 0.44 -19.38
CA PHE B 270 -6.14 1.01 -19.37
C PHE B 270 -6.47 1.94 -18.22
N GLY B 271 -5.85 1.76 -17.07
CA GLY B 271 -6.10 2.66 -15.97
C GLY B 271 -7.47 2.56 -15.37
N ILE B 272 -8.21 1.51 -15.69
CA ILE B 272 -9.52 1.24 -15.11
C ILE B 272 -9.33 0.56 -13.76
N PRO B 273 -10.04 0.96 -12.73
CA PRO B 273 -9.94 0.25 -11.44
C PRO B 273 -10.12 -1.25 -11.59
N ILE B 274 -9.26 -2.01 -10.90
CA ILE B 274 -9.44 -3.45 -10.74
C ILE B 274 -10.20 -3.64 -9.43
N ARG B 275 -11.46 -4.04 -9.54
CA ARG B 275 -12.36 -4.16 -8.41
C ARG B 275 -12.19 -5.45 -7.62
N TYR B 276 -12.04 -6.60 -8.31
CA TYR B 276 -11.96 -7.93 -7.71
C TYR B 276 -10.92 -8.78 -8.44
N ILE B 277 -10.24 -9.65 -7.68
CA ILE B 277 -9.41 -10.71 -8.25
C ILE B 277 -9.90 -12.05 -7.74
N GLY B 278 -9.98 -13.03 -8.64
CA GLY B 278 -10.40 -14.35 -8.29
C GLY B 278 -9.20 -15.24 -8.04
N VAL B 279 -9.10 -15.77 -6.84
CA VAL B 279 -7.89 -16.51 -6.46
C VAL B 279 -8.26 -17.87 -5.86
N GLY B 280 -9.43 -18.37 -6.19
CA GLY B 280 -9.83 -19.69 -5.75
C GLY B 280 -11.29 -19.93 -6.01
N GLU B 281 -11.73 -21.11 -5.56
CA GLU B 281 -13.05 -21.63 -5.87
C GLU B 281 -14.14 -21.11 -4.92
N ARG B 282 -13.77 -20.61 -3.74
CA ARG B 282 -14.76 -20.19 -2.74
C ARG B 282 -15.36 -18.83 -3.08
N ILE B 283 -16.58 -18.61 -2.58
CA ILE B 283 -17.25 -17.33 -2.75
C ILE B 283 -16.32 -16.18 -2.32
N GLU B 284 -15.71 -16.33 -1.15
CA GLU B 284 -14.81 -15.31 -0.64
CA GLU B 284 -14.80 -15.30 -0.64
C GLU B 284 -13.48 -15.25 -1.38
N ASP B 285 -13.16 -16.23 -2.19
CA ASP B 285 -11.92 -16.13 -2.96
C ASP B 285 -12.05 -15.17 -4.14
N LEU B 286 -13.24 -14.65 -4.42
CA LEU B 286 -13.37 -13.47 -5.25
C LEU B 286 -13.14 -12.32 -4.28
N ARG B 287 -11.92 -11.82 -4.25
CA ARG B 287 -11.47 -10.87 -3.27
C ARG B 287 -11.61 -9.46 -3.80
N PRO B 288 -12.13 -8.53 -3.01
CA PRO B 288 -11.93 -7.12 -3.35
C PRO B 288 -10.46 -6.87 -3.52
N PHE B 289 -10.09 -6.23 -4.61
CA PHE B 289 -8.68 -6.07 -4.93
C PHE B 289 -8.03 -5.04 -4.02
N LYS B 290 -6.97 -5.47 -3.39
CA LYS B 290 -6.13 -4.61 -2.59
C LYS B 290 -4.67 -4.65 -3.22
N ALA B 291 -4.28 -3.65 -4.01
CA ALA B 291 -2.94 -3.60 -4.66
C ALA B 291 -1.78 -3.89 -3.63
N ASP B 292 -1.84 -3.25 -2.46
CA ASP B 292 -0.79 -3.42 -1.44
C ASP B 292 -0.72 -4.92 -0.97
N ASP B 293 -1.84 -5.53 -0.59
CA ASP B 293 -1.80 -6.95 -0.13
C ASP B 293 -1.23 -7.77 -1.35
N PHE B 294 -1.81 -7.54 -2.53
CA PHE B 294 -1.35 -8.24 -3.76
C PHE B 294 0.20 -8.18 -3.97
N ILE B 295 0.73 -6.97 -3.91
CA ILE B 295 2.16 -6.80 -4.08
C ILE B 295 2.94 -7.49 -2.98
N GLU B 296 2.47 -7.36 -1.73
CA GLU B 296 3.19 -7.97 -0.62
C GLU B 296 3.20 -9.48 -0.76
N ALA B 297 2.08 -10.08 -1.18
CA ALA B 297 2.03 -11.53 -1.37
C ALA B 297 2.98 -11.97 -2.49
N LEU B 298 3.00 -11.22 -3.59
CA LEU B 298 3.82 -11.56 -4.76
C LEU B 298 5.29 -11.44 -4.45
N PHE B 299 5.67 -10.38 -3.72
CA PHE B 299 7.07 -10.11 -3.42
C PHE B 299 7.47 -10.68 -2.08
N ALA B 300 6.60 -11.46 -1.42
CA ALA B 300 6.93 -11.97 -0.09
C ALA B 300 8.18 -12.82 -0.19
N ARG B 301 9.13 -12.55 0.73
CA ARG B 301 10.35 -13.32 0.83
C ARG B 301 10.70 -13.49 2.30
N GLU B 302 11.27 -14.65 2.61
CA GLU B 302 11.56 -15.04 3.99
C GLU B 302 13.06 -15.18 4.23
N ASP B 303 13.89 -14.61 3.36
CA ASP B 303 15.33 -14.70 3.47
C ASP B 303 15.98 -13.43 4.08
CAJ 4ME C . 39.16 -1.45 22.59
OAM 4ME C . 38.92 -0.09 22.22
CAI 4ME C . 40.09 0.59 21.94
OAL 4ME C . 41.17 0.01 21.72
CAG 4ME C . 39.96 1.99 21.90
CAB 4ME C . 38.87 2.53 22.55
CAA 4ME C . 38.70 3.90 22.55
CAC 4ME C . 39.63 4.69 21.89
CAH 4ME C . 40.66 4.12 21.27
CAF 4ME C . 40.84 2.79 21.27
CAD 4ME C . 41.95 2.54 20.58
CAE 4ME C . 42.45 3.70 20.15
NAK 4ME C . 41.65 4.68 20.58
HAJ1 4ME C . 39.80 -1.49 23.48
HAJ2 4ME C . 39.66 -1.97 21.78
HAJ3 4ME C . 38.21 -1.94 22.80
HAB 4ME C . 38.17 1.89 23.07
HAA 4ME C . 37.85 4.35 23.06
HAC 4ME C . 39.51 5.77 21.86
HAK 4ME C . 41.79 5.65 20.41
HAD 4ME C . 42.37 1.56 20.39
HAE 4ME C . 43.36 3.83 19.55
CAJ 4ME D . 12.58 -9.12 12.90
OAM 4ME D . 12.32 -8.91 14.30
CAI 4ME D . 13.42 -8.40 14.96
OAL 4ME D . 14.04 -7.43 14.54
CAG 4ME D . 13.77 -9.05 16.15
CAB 4ME D . 12.87 -9.92 16.76
CAA 4ME D . 13.22 -10.56 17.93
CAC 4ME D . 14.48 -10.29 18.48
CAH 4ME D . 15.32 -9.45 17.88
CAF 4ME D . 14.98 -8.84 16.73
CAD 4ME D . 16.01 -8.08 16.38
CAE 4ME D . 16.98 -8.21 17.28
NAK 4ME D . 16.56 -9.06 18.20
HAJ1 4ME D . 12.83 -8.17 12.50
HAJ2 4ME D . 13.38 -9.82 12.86
HAJ3 4ME D . 11.67 -9.51 12.50
HAB 4ME D . 11.89 -10.10 16.31
HAA 4ME D . 12.53 -11.24 18.43
HAC 4ME D . 14.78 -10.79 19.41
HAK 4ME D . 17.07 -9.36 19.01
HAD 4ME D . 16.05 -7.45 15.49
HAE 4ME D . 17.95 -7.71 17.26
N NH4 E . 27.97 -6.06 27.18
HN1 NH4 E . 27.23 -5.49 27.51
HN2 NH4 E . 28.11 -6.82 27.79
HN3 NH4 E . 27.75 -6.40 26.30
HN4 NH4 E . 28.79 -5.52 27.14
N NH4 F . 23.46 -3.71 22.56
HN1 NH4 F . 23.93 -3.00 22.07
HN2 NH4 F . 23.80 -4.58 22.25
HN3 NH4 F . 23.65 -3.61 23.51
HN4 NH4 F . 22.50 -3.64 22.41
CAJ 4ME G . -19.52 -20.85 -7.50
OAM 4ME G . -20.04 -20.97 -8.84
CAI 4ME G . -21.11 -20.14 -9.01
OAL 4ME G . -21.29 -19.10 -8.36
CAG 4ME G . -22.00 -20.55 -10.02
CAB 4ME G . -21.91 -21.89 -10.43
CAA 4ME G . -22.78 -22.35 -11.42
CAC 4ME G . -23.71 -21.46 -11.95
CAH 4ME G . -23.76 -20.19 -11.53
CAF 4ME G . -22.93 -19.74 -10.57
CAD 4ME G . -23.23 -18.46 -10.36
CAE 4ME G . -24.23 -18.11 -11.17
NAK 4ME G . -24.56 -19.17 -11.89
HAJ1 4ME G . -20.30 -21.12 -6.78
HAJ2 4ME G . -19.20 -19.83 -7.32
HAJ3 4ME G . -18.67 -21.52 -7.38
HAB 4ME G . -21.18 -22.56 -10.00
HAA 4ME G . -22.73 -23.38 -11.77
HAC 4ME G . -24.39 -21.80 -12.73
HAK 4ME G . -25.28 -19.21 -12.59
HAD 4ME G . -22.73 -17.80 -9.65
HAE 4ME G . -24.69 -17.12 -11.24
CAJ 4ME H . -42.04 -3.56 -22.09
OAM 4ME H . -41.28 -2.36 -22.33
CAI 4ME H . -39.94 -2.62 -22.37
OAL 4ME H . -39.46 -3.69 -21.98
CAG 4ME H . -39.13 -1.59 -22.90
CAB 4ME H . -37.91 -1.94 -23.47
CAA 4ME H . -37.08 -0.98 -24.00
CAC 4ME H . -37.47 0.35 -23.96
CAH 4ME H . -38.65 0.66 -23.42
CAF 4ME H . -39.47 -0.28 -22.90
CAD 4ME H . -40.54 0.36 -22.45
CAE 4ME H . -40.40 1.66 -22.68
NAK 4ME H . -39.23 1.85 -23.28
HAJ1 4ME H . -41.73 -3.99 -21.14
HAJ2 4ME H . -41.84 -4.27 -22.89
HAJ3 4ME H . -43.10 -3.33 -22.06
HAB 4ME H . -37.61 -2.99 -23.48
HAA 4ME H . -36.11 -1.26 -24.45
HAC 4ME H . -36.83 1.12 -24.39
HAK 4ME H . -38.85 2.73 -23.58
HAD 4ME H . -41.41 -0.11 -21.95
HAE 4ME H . -41.12 2.45 -22.42
NA NA I . -8.58 -1.39 -4.28
#